data_5HQP
#
_entry.id   5HQP
#
_cell.length_a   69.289
_cell.length_b   198.979
_cell.length_c   225.959
_cell.angle_alpha   90.00
_cell.angle_beta   90.00
_cell.angle_gamma   90.00
#
_symmetry.space_group_name_H-M   'C 2 2 21'
#
loop_
_entity.id
_entity.type
_entity.pdbx_description
1 polymer Peroxiredoxin-4
2 polymer 'Endoplasmic reticulum resident protein 44'
3 water water
#
loop_
_entity_poly.entity_id
_entity_poly.type
_entity_poly.pdbx_seq_one_letter_code
_entity_poly.pdbx_strand_id
1 'polypeptide(L)'
;MRGSHHHHHHGSWETEERPRTREEESHFYAGGQVYPGEASRVSVADHSLHLSKAKISKPAPYWEGTAVIDGEFKELKLTD
YRGKYLVFFFYPLDFTFVSPTEIIAFGDRLEEFRSINTEVVACSVDSQFEHLAWINTPRRQGGLGPIRIPLLSDLTHQIS
KDYGVYLEDSGHTLRGLFIIDDKGILRQITLNDLPVGRSVDETLRLVQAFQYTDKHGEVCPAGWKPGSETIIPDPAGKLK
YFDKLN
;
A,B
2 'polypeptide(L)'
;GPLGSEITSLDTENIDEILNNADVALVNFYADWCRFSQMLHPIFEEASDVIKEEFPNENQVVFARVDCDQHSDIAQRYRI
SKYPTLKLFRNGMMMKREYRGQRSVKALADYIRQQKSDPIQEIRDLAEITTLDRSKRNIIGYFEQKDSDNYRVFERVANI
LHDDCAFLSAFGDVSKPERYSGDNIIYKPPGHSAPDMVYLGAMTNFDVTYNWIQDKCVPLVREITFENGEELTEEGLPFL
ILFHMKEDTESLEIFQNEVARQLISEKGTINFLHADCDKFRHPLLHIQKTPADCPVIAIDSFRHMYVFGDFKDVLIPGKL
KQFVFDLHSGKLHREFHHGPDPTDTAPGEQAQDVASSPPESSFQKLAPSEYRYTLLRDRDEL
;
C,D
#
# COMPACT_ATOMS: atom_id res chain seq x y z
N LEU A 51 23.85 0.37 21.11
CA LEU A 51 24.50 1.53 20.51
C LEU A 51 23.64 2.17 19.42
N SER A 52 22.54 1.51 19.05
CA SER A 52 21.65 2.08 18.04
C SER A 52 20.86 3.24 18.64
N LYS A 53 20.82 4.34 17.89
CA LYS A 53 20.18 5.58 18.31
C LYS A 53 18.78 5.80 17.75
N ALA A 54 18.26 4.89 16.93
CA ALA A 54 16.97 5.10 16.29
C ALA A 54 15.86 4.68 17.24
N LYS A 55 15.04 5.66 17.65
CA LYS A 55 13.93 5.43 18.56
C LYS A 55 12.68 6.05 17.96
N ILE A 56 11.58 5.31 17.98
CA ILE A 56 10.32 5.82 17.48
C ILE A 56 9.85 6.97 18.36
N SER A 57 9.41 8.06 17.73
CA SER A 57 8.89 9.30 18.30
C SER A 57 9.99 10.24 18.76
N LYS A 58 11.26 9.84 18.69
CA LYS A 58 12.38 10.70 18.98
C LYS A 58 12.96 11.30 17.71
N PRO A 59 13.72 12.39 17.83
CA PRO A 59 14.40 12.94 16.66
C PRO A 59 15.23 11.87 15.97
N ALA A 60 15.10 11.78 14.65
CA ALA A 60 15.86 10.79 13.91
C ALA A 60 17.35 11.10 13.98
N PRO A 61 18.20 10.09 14.17
CA PRO A 61 19.64 10.35 14.31
C PRO A 61 20.19 11.09 13.10
N TYR A 62 20.91 12.19 13.38
CA TYR A 62 21.50 12.99 12.32
C TYR A 62 22.51 12.19 11.51
N TRP A 63 22.54 12.43 10.21
CA TRP A 63 23.56 11.90 9.32
C TRP A 63 23.93 12.95 8.29
N GLU A 64 25.13 12.81 7.74
CA GLU A 64 25.60 13.64 6.65
C GLU A 64 26.61 12.86 5.83
N GLY A 65 26.66 13.15 4.53
CA GLY A 65 27.60 12.45 3.68
C GLY A 65 27.50 12.91 2.25
N THR A 66 28.26 12.25 1.39
CA THR A 66 28.26 12.57 -0.02
C THR A 66 27.38 11.54 -0.73
N ALA A 67 26.42 12.02 -1.49
CA ALA A 67 25.53 11.16 -2.24
C ALA A 67 25.76 11.37 -3.73
N VAL A 68 25.45 10.35 -4.52
CA VAL A 68 25.41 10.48 -5.96
C VAL A 68 23.97 10.75 -6.38
N ILE A 69 23.76 11.93 -6.96
CA ILE A 69 22.48 12.36 -7.50
C ILE A 69 22.74 12.65 -8.97
N ASP A 70 22.04 11.93 -9.85
CA ASP A 70 22.14 12.14 -11.30
C ASP A 70 23.59 12.03 -11.77
N GLY A 71 24.32 11.03 -11.25
CA GLY A 71 25.68 10.84 -11.66
C GLY A 71 26.66 11.84 -11.08
N GLU A 72 26.22 12.72 -10.19
CA GLU A 72 27.03 13.81 -9.68
C GLU A 72 27.17 13.71 -8.16
N PHE A 73 28.27 14.24 -7.63
CA PHE A 73 28.49 14.22 -6.18
C PHE A 73 27.85 15.45 -5.55
N LYS A 74 26.92 15.23 -4.62
CA LYS A 74 26.36 16.30 -3.81
C LYS A 74 26.35 15.93 -2.34
N GLU A 75 26.56 16.93 -1.47
CA GLU A 75 26.57 16.68 -0.03
C GLU A 75 25.15 16.78 0.53
N LEU A 76 24.81 15.82 1.38
CA LEU A 76 23.45 15.62 1.86
C LEU A 76 23.48 15.55 3.37
N LYS A 77 22.48 16.15 3.99
CA LYS A 77 22.29 16.11 5.43
C LYS A 77 20.84 15.82 5.74
N LEU A 78 20.60 15.17 6.89
CA LEU A 78 19.23 14.89 7.30
C LEU A 78 18.42 16.18 7.42
N THR A 79 19.03 17.24 7.98
CA THR A 79 18.31 18.48 8.20
C THR A 79 18.01 19.23 6.90
N ASP A 80 18.59 18.82 5.78
CA ASP A 80 18.15 19.34 4.49
C ASP A 80 16.69 19.02 4.23
N TYR A 81 16.20 17.91 4.78
CA TYR A 81 14.86 17.40 4.50
C TYR A 81 13.80 17.91 5.46
N ARG A 82 14.16 18.80 6.38
CA ARG A 82 13.17 19.43 7.24
C ARG A 82 12.09 20.11 6.41
N GLY A 83 10.84 19.93 6.81
CA GLY A 83 9.70 20.43 6.06
C GLY A 83 9.06 19.41 5.16
N LYS A 84 9.73 18.29 4.91
CA LYS A 84 9.21 17.20 4.10
C LYS A 84 9.42 15.88 4.82
N TYR A 85 8.60 14.90 4.49
CA TYR A 85 8.84 13.55 4.97
C TYR A 85 10.01 12.95 4.21
N LEU A 86 10.76 12.08 4.88
CA LEU A 86 11.90 11.40 4.29
C LEU A 86 11.70 9.90 4.46
N VAL A 87 11.75 9.16 3.35
CA VAL A 87 11.90 7.72 3.40
C VAL A 87 13.38 7.41 3.22
N PHE A 88 13.95 6.75 4.21
CA PHE A 88 15.40 6.61 4.33
C PHE A 88 15.69 5.13 4.51
N PHE A 89 16.28 4.48 3.50
CA PHE A 89 16.50 3.05 3.63
C PHE A 89 17.89 2.65 3.18
N PHE A 90 18.38 1.55 3.74
CA PHE A 90 19.72 1.05 3.48
C PHE A 90 19.69 0.01 2.37
N TYR A 91 20.68 0.06 1.49
CA TYR A 91 20.69 -0.72 0.25
C TYR A 91 22.07 -1.29 0.02
N PRO A 92 22.35 -2.47 0.58
CA PRO A 92 23.72 -3.02 0.50
C PRO A 92 24.11 -3.38 -0.92
N LEU A 93 25.32 -2.96 -1.30
CA LEU A 93 25.98 -3.39 -2.54
C LEU A 93 26.97 -4.53 -2.30
N ASP A 94 26.91 -5.17 -1.13
CA ASP A 94 27.88 -6.17 -0.72
C ASP A 94 27.55 -7.53 -1.32
N PHE A 95 28.17 -8.59 -0.78
CA PHE A 95 27.98 -9.94 -1.29
C PHE A 95 26.51 -10.39 -1.25
N THR A 96 25.72 -9.87 -0.31
CA THR A 96 24.29 -10.17 -0.28
C THR A 96 23.51 -9.61 -1.46
N PHE A 97 24.08 -8.72 -2.28
CA PHE A 97 23.30 -8.06 -3.31
C PHE A 97 22.86 -9.09 -4.35
N VAL A 98 21.69 -8.84 -4.93
CA VAL A 98 21.03 -9.81 -5.79
C VAL A 98 20.51 -9.11 -7.04
N SER A 99 19.89 -7.93 -6.85
CA SER A 99 19.21 -7.29 -7.98
C SER A 99 18.82 -5.84 -7.72
N PRO A 100 18.95 -5.00 -8.76
CA PRO A 100 18.61 -3.58 -8.67
C PRO A 100 17.13 -3.29 -8.45
N THR A 101 16.27 -4.30 -8.53
CA THR A 101 14.82 -4.18 -8.65
C THR A 101 14.24 -3.10 -7.75
N GLU A 102 14.72 -3.05 -6.51
CA GLU A 102 14.07 -2.26 -5.48
C GLU A 102 14.36 -0.76 -5.58
N ILE A 103 15.64 -0.38 -5.73
CA ILE A 103 15.96 1.03 -5.89
C ILE A 103 15.34 1.59 -7.17
N ILE A 104 15.26 0.77 -8.21
CA ILE A 104 14.54 1.16 -9.43
C ILE A 104 13.07 1.36 -9.12
N ALA A 105 12.46 0.40 -8.40
CA ALA A 105 11.05 0.49 -8.07
C ALA A 105 10.73 1.79 -7.33
N PHE A 106 11.56 2.17 -6.36
CA PHE A 106 11.32 3.43 -5.66
C PHE A 106 11.55 4.63 -6.57
N GLY A 107 12.59 4.56 -7.42
CA GLY A 107 12.89 5.68 -8.28
C GLY A 107 11.82 5.96 -9.31
N ASP A 108 11.25 4.91 -9.91
CA ASP A 108 10.22 5.09 -10.92
C ASP A 108 8.98 5.75 -10.34
N ARG A 109 8.65 5.45 -9.09
CA ARG A 109 7.47 5.99 -8.42
C ARG A 109 7.77 7.19 -7.53
N LEU A 110 9.00 7.73 -7.60
CA LEU A 110 9.41 8.85 -6.75
C LEU A 110 8.46 10.04 -6.83
N GLU A 111 7.76 10.21 -7.94
CA GLU A 111 6.85 11.34 -8.06
C GLU A 111 5.62 11.16 -7.17
N GLU A 112 5.13 9.92 -7.02
CA GLU A 112 4.07 9.65 -6.06
C GLU A 112 4.44 10.13 -4.66
N PHE A 113 5.69 9.91 -4.25
CA PHE A 113 6.15 10.39 -2.95
C PHE A 113 6.22 11.91 -2.93
N ARG A 114 6.58 12.52 -4.06
CA ARG A 114 6.66 13.98 -4.05
C ARG A 114 5.27 14.62 -4.06
N SER A 115 4.27 13.92 -4.57
CA SER A 115 2.88 14.38 -4.46
C SER A 115 2.51 14.65 -3.00
N ILE A 116 2.93 13.75 -2.10
CA ILE A 116 2.59 13.83 -0.69
C ILE A 116 3.73 14.45 0.14
N ASN A 117 4.67 15.15 -0.52
CA ASN A 117 5.68 15.95 0.18
C ASN A 117 6.74 15.10 0.91
N THR A 118 7.16 14.00 0.27
CA THR A 118 8.16 13.11 0.86
C THR A 118 9.23 12.76 -0.17
N GLU A 119 10.49 12.81 0.24
CA GLU A 119 11.62 12.40 -0.57
C GLU A 119 12.04 10.97 -0.22
N VAL A 120 12.91 10.41 -1.05
CA VAL A 120 13.45 9.07 -0.84
C VAL A 120 14.97 9.16 -0.91
N VAL A 121 15.65 8.52 0.04
CA VAL A 121 17.10 8.40 0.02
C VAL A 121 17.51 6.99 0.39
N ALA A 122 18.45 6.45 -0.37
CA ALA A 122 19.06 5.16 -0.10
C ALA A 122 20.46 5.40 0.43
N CYS A 123 20.93 4.48 1.27
CA CYS A 123 22.25 4.65 1.84
C CYS A 123 22.95 3.30 1.89
N SER A 124 24.26 3.35 1.67
CA SER A 124 25.11 2.18 1.62
C SER A 124 26.47 2.57 2.14
N VAL A 125 27.26 1.56 2.51
CA VAL A 125 28.54 1.79 3.15
C VAL A 125 29.70 1.79 2.17
N ASP A 126 29.43 1.69 0.88
CA ASP A 126 30.47 1.90 -0.10
C ASP A 126 30.78 3.39 -0.21
N SER A 127 31.95 3.69 -0.76
CA SER A 127 32.34 5.06 -0.97
C SER A 127 31.53 5.67 -2.11
N GLN A 128 31.50 7.00 -2.15
CA GLN A 128 30.86 7.70 -3.25
C GLN A 128 31.39 7.21 -4.60
N PHE A 129 32.67 6.86 -4.65
CA PHE A 129 33.27 6.41 -5.90
C PHE A 129 32.77 5.02 -6.29
N GLU A 130 32.63 4.11 -5.33
CA GLU A 130 32.10 2.79 -5.69
C GLU A 130 30.63 2.87 -6.04
N HIS A 131 29.90 3.80 -5.41
CA HIS A 131 28.52 4.06 -5.80
C HIS A 131 28.45 4.56 -7.24
N LEU A 132 29.35 5.47 -7.60
CA LEU A 132 29.35 6.00 -8.95
C LEU A 132 29.67 4.90 -9.97
N ALA A 133 30.59 3.99 -9.63
CA ALA A 133 30.85 2.84 -10.48
C ALA A 133 29.61 1.96 -10.62
N TRP A 134 28.88 1.73 -9.52
CA TRP A 134 27.66 0.94 -9.61
C TRP A 134 26.64 1.61 -10.54
N ILE A 135 26.50 2.93 -10.40
CA ILE A 135 25.58 3.69 -11.25
C ILE A 135 25.96 3.59 -12.73
N ASN A 136 27.25 3.62 -13.05
CA ASN A 136 27.61 3.55 -14.46
C ASN A 136 27.59 2.14 -15.03
N THR A 137 27.56 1.11 -14.19
CA THR A 137 27.41 -0.23 -14.73
C THR A 137 25.94 -0.46 -15.06
N PRO A 138 25.61 -0.72 -16.32
CA PRO A 138 24.21 -0.98 -16.67
C PRO A 138 23.75 -2.32 -16.11
N ARG A 139 22.42 -2.48 -16.05
CA ARG A 139 21.84 -3.62 -15.35
C ARG A 139 22.12 -4.93 -16.07
N ARG A 140 22.37 -4.87 -17.38
CA ARG A 140 22.75 -6.06 -18.13
C ARG A 140 24.03 -6.68 -17.60
N GLN A 141 25.00 -5.86 -17.21
CA GLN A 141 26.28 -6.33 -16.70
C GLN A 141 26.30 -6.51 -15.18
N GLY A 142 25.17 -6.32 -14.51
CA GLY A 142 25.12 -6.44 -13.07
C GLY A 142 25.25 -5.16 -12.28
N GLY A 143 25.01 -4.00 -12.91
CA GLY A 143 25.00 -2.73 -12.21
C GLY A 143 23.58 -2.20 -12.03
N LEU A 144 23.51 -1.01 -11.42
CA LEU A 144 22.22 -0.36 -11.20
C LEU A 144 21.76 0.49 -12.38
N GLY A 145 22.67 0.95 -13.22
CA GLY A 145 22.31 1.90 -14.25
C GLY A 145 21.89 3.23 -13.64
N PRO A 146 21.26 4.10 -14.43
CA PRO A 146 20.77 5.36 -13.86
C PRO A 146 19.66 5.14 -12.86
N ILE A 147 19.73 5.89 -11.76
CA ILE A 147 18.76 5.84 -10.69
C ILE A 147 18.30 7.25 -10.36
N ARG A 148 17.05 7.40 -9.93
CA ARG A 148 16.50 8.71 -9.63
C ARG A 148 16.38 9.00 -8.13
N ILE A 149 16.96 8.17 -7.26
CA ILE A 149 16.95 8.54 -5.85
C ILE A 149 18.39 8.64 -5.39
N PRO A 150 18.71 9.62 -4.54
CA PRO A 150 20.09 9.80 -4.08
C PRO A 150 20.65 8.55 -3.42
N LEU A 151 21.89 8.23 -3.75
CA LEU A 151 22.62 7.12 -3.12
C LEU A 151 23.62 7.74 -2.16
N LEU A 152 23.32 7.66 -0.87
CA LEU A 152 24.17 8.22 0.17
C LEU A 152 25.18 7.20 0.62
N SER A 153 26.37 7.67 0.94
CA SER A 153 27.48 6.82 1.36
C SER A 153 27.66 6.94 2.86
N ASP A 154 27.71 5.80 3.54
CA ASP A 154 28.03 5.78 4.96
C ASP A 154 29.45 5.22 4.97
N LEU A 155 30.42 6.12 4.83
CA LEU A 155 31.81 5.72 4.69
C LEU A 155 32.41 5.31 6.02
N THR A 156 32.06 6.03 7.09
CA THR A 156 32.56 5.80 8.44
C THR A 156 31.83 4.69 9.17
N HIS A 157 30.76 4.15 8.59
CA HIS A 157 29.84 3.17 9.16
C HIS A 157 28.95 3.75 10.25
N GLN A 158 29.06 5.04 10.56
CA GLN A 158 28.38 5.57 11.74
C GLN A 158 26.88 5.76 11.49
N ILE A 159 26.46 5.87 10.23
CA ILE A 159 25.03 5.92 9.94
C ILE A 159 24.40 4.56 10.18
N SER A 160 24.98 3.51 9.59
CA SER A 160 24.43 2.16 9.74
C SER A 160 24.35 1.74 11.20
N LYS A 161 25.25 2.25 12.06
CA LYS A 161 25.21 1.91 13.47
C LYS A 161 24.19 2.76 14.22
N ASP A 162 24.11 4.06 13.89
CA ASP A 162 23.10 4.90 14.51
C ASP A 162 21.69 4.38 14.26
N TYR A 163 21.45 3.81 13.10
CA TYR A 163 20.15 3.29 12.74
C TYR A 163 20.00 1.80 13.08
N GLY A 164 20.98 1.23 13.79
CA GLY A 164 20.90 -0.13 14.27
C GLY A 164 20.84 -1.16 13.17
N VAL A 165 21.33 -0.81 11.97
CA VAL A 165 21.25 -1.69 10.82
C VAL A 165 22.57 -2.39 10.52
N TYR A 166 23.64 -2.08 11.24
CA TYR A 166 24.99 -2.57 10.90
C TYR A 166 25.34 -3.83 11.67
N LEU A 167 25.83 -4.84 10.95
CA LEU A 167 26.36 -6.07 11.55
C LEU A 167 27.88 -6.03 11.42
N GLU A 168 28.58 -5.90 12.54
CA GLU A 168 30.01 -5.57 12.49
C GLU A 168 30.87 -6.79 12.21
N ASP A 169 30.31 -7.99 12.30
CA ASP A 169 31.08 -9.17 11.91
C ASP A 169 31.30 -9.22 10.40
N SER A 170 30.24 -8.97 9.63
CA SER A 170 30.28 -9.14 8.18
C SER A 170 30.46 -7.82 7.42
N GLY A 171 30.50 -6.68 8.12
CA GLY A 171 30.43 -5.42 7.42
C GLY A 171 29.13 -5.16 6.71
N HIS A 172 28.14 -6.03 6.91
CA HIS A 172 26.85 -5.99 6.23
C HIS A 172 25.84 -5.12 6.98
N THR A 173 24.99 -4.47 6.22
CA THR A 173 23.87 -3.70 6.75
C THR A 173 22.58 -4.45 6.44
N LEU A 174 21.72 -4.60 7.46
CA LEU A 174 20.38 -5.11 7.21
C LEU A 174 19.62 -4.13 6.32
N ARG A 175 18.54 -4.59 5.73
CA ARG A 175 17.78 -3.64 4.93
C ARG A 175 16.74 -3.01 5.83
N GLY A 176 17.10 -1.86 6.39
CA GLY A 176 16.18 -1.05 7.14
C GLY A 176 15.54 0.01 6.28
N LEU A 177 14.30 0.33 6.60
CA LEU A 177 13.59 1.46 6.01
C LEU A 177 13.00 2.27 7.15
N PHE A 178 13.16 3.59 7.09
CA PHE A 178 12.78 4.46 8.18
C PHE A 178 12.04 5.67 7.62
N ILE A 179 10.91 6.01 8.22
CA ILE A 179 10.07 7.12 7.79
C ILE A 179 10.23 8.23 8.81
N ILE A 180 10.67 9.39 8.35
CA ILE A 180 10.98 10.54 9.20
C ILE A 180 10.05 11.67 8.79
N ASP A 181 9.32 12.23 9.76
CA ASP A 181 8.33 13.22 9.38
C ASP A 181 9.00 14.58 9.14
N ASP A 182 8.20 15.55 8.71
CA ASP A 182 8.71 16.87 8.34
C ASP A 182 9.34 17.60 9.52
N LYS A 183 9.16 17.11 10.74
CA LYS A 183 9.79 17.68 11.92
C LYS A 183 11.05 16.92 12.34
N GLY A 184 11.48 15.93 11.55
CA GLY A 184 12.67 15.18 11.87
C GLY A 184 12.45 14.06 12.85
N ILE A 185 11.21 13.83 13.29
CA ILE A 185 10.90 12.76 14.22
C ILE A 185 10.82 11.45 13.47
N LEU A 186 11.37 10.39 14.05
CA LEU A 186 11.33 9.07 13.45
C LEU A 186 10.00 8.39 13.80
N ARG A 187 9.20 8.11 12.78
CA ARG A 187 7.89 7.50 12.98
C ARG A 187 7.80 6.04 12.57
N GLN A 188 8.80 5.49 11.88
CA GLN A 188 8.72 4.11 11.41
C GLN A 188 10.10 3.46 11.38
N ILE A 189 10.16 2.23 11.87
CA ILE A 189 11.33 1.37 11.75
C ILE A 189 10.89 0.05 11.14
N THR A 190 11.48 -0.32 10.00
CA THR A 190 11.21 -1.60 9.34
C THR A 190 12.53 -2.30 9.07
N LEU A 191 12.72 -3.48 9.65
CA LEU A 191 13.97 -4.22 9.49
C LEU A 191 13.71 -5.65 9.02
N ASN A 192 14.44 -6.05 7.98
CA ASN A 192 14.59 -7.46 7.60
C ASN A 192 15.83 -7.57 6.73
N ASP A 193 16.18 -8.81 6.38
CA ASP A 193 17.32 -9.08 5.50
C ASP A 193 16.91 -9.48 4.08
N LEU A 194 15.65 -9.26 3.68
CA LEU A 194 15.20 -9.70 2.36
C LEU A 194 15.90 -8.97 1.23
N PRO A 195 16.51 -9.68 0.27
CA PRO A 195 17.25 -9.01 -0.82
C PRO A 195 16.43 -7.94 -1.50
N VAL A 196 15.17 -8.26 -1.77
CA VAL A 196 14.17 -7.36 -2.31
C VAL A 196 12.89 -7.71 -1.56
N GLY A 197 11.89 -6.85 -1.61
CA GLY A 197 10.83 -7.06 -0.66
C GLY A 197 10.58 -6.03 0.44
N ARG A 198 11.01 -4.79 0.25
CA ARG A 198 10.11 -3.75 0.74
C ARG A 198 9.18 -3.34 -0.40
N SER A 199 8.21 -2.50 -0.08
CA SER A 199 7.09 -2.23 -0.97
C SER A 199 6.79 -0.75 -0.95
N VAL A 200 6.83 -0.11 -2.13
CA VAL A 200 6.55 1.31 -2.18
C VAL A 200 5.07 1.59 -1.86
N ASP A 201 4.18 0.66 -2.20
CA ASP A 201 2.76 0.85 -1.88
C ASP A 201 2.56 0.95 -0.38
N GLU A 202 3.21 0.04 0.37
CA GLU A 202 3.05 0.05 1.82
C GLU A 202 3.78 1.23 2.45
N THR A 203 4.87 1.67 1.81
CA THR A 203 5.57 2.85 2.30
C THR A 203 4.71 4.09 2.14
N LEU A 204 4.09 4.26 0.98
CA LEU A 204 3.23 5.43 0.76
C LEU A 204 2.03 5.40 1.68
N ARG A 205 1.44 4.22 1.87
CA ARG A 205 0.30 4.14 2.79
C ARG A 205 0.71 4.51 4.20
N LEU A 206 1.94 4.16 4.61
CA LEU A 206 2.38 4.55 5.95
C LEU A 206 2.59 6.05 6.07
N VAL A 207 3.30 6.67 5.10
CA VAL A 207 3.51 8.11 5.23
C VAL A 207 2.17 8.86 5.24
N GLN A 208 1.21 8.43 4.40
CA GLN A 208 -0.10 9.10 4.42
C GLN A 208 -0.82 8.88 5.74
N ALA A 209 -0.66 7.70 6.34
CA ALA A 209 -1.24 7.47 7.67
C ALA A 209 -0.62 8.40 8.70
N PHE A 210 0.70 8.63 8.61
CA PHE A 210 1.37 9.51 9.57
C PHE A 210 0.92 10.95 9.41
N GLN A 211 0.85 11.43 8.16
CA GLN A 211 0.42 12.80 7.93
C GLN A 211 -1.03 13.00 8.34
N TYR A 212 -1.87 11.99 8.10
CA TYR A 212 -3.26 12.10 8.53
C TYR A 212 -3.36 12.16 10.05
N THR A 213 -2.61 11.32 10.75
CA THR A 213 -2.59 11.42 12.21
C THR A 213 -2.13 12.81 12.65
N ASP A 214 -1.16 13.39 11.93
CA ASP A 214 -0.66 14.69 12.32
C ASP A 214 -1.71 15.77 12.14
N LYS A 215 -2.52 15.69 11.09
CA LYS A 215 -3.54 16.71 10.91
C LYS A 215 -4.83 16.44 11.68
N HIS A 216 -5.28 15.18 11.75
CA HIS A 216 -6.47 14.85 12.54
C HIS A 216 -6.09 13.81 13.61
N GLY A 217 -5.83 14.27 14.83
CA GLY A 217 -5.33 13.39 15.87
C GLY A 217 -6.35 12.90 16.89
N GLU A 218 -7.44 13.66 17.02
CA GLU A 218 -8.51 13.40 17.98
C GLU A 218 -9.74 12.78 17.34
N VAL A 219 -9.62 12.24 16.14
CA VAL A 219 -10.76 11.61 15.47
C VAL A 219 -10.38 10.21 15.01
N CYS A 220 -11.37 9.33 14.99
CA CYS A 220 -11.23 8.07 14.28
C CYS A 220 -11.85 8.24 12.90
N PRO A 221 -11.10 8.03 11.82
CA PRO A 221 -11.73 8.09 10.50
C PRO A 221 -12.69 6.93 10.31
N ALA A 222 -13.77 7.20 9.60
CA ALA A 222 -14.65 6.11 9.17
C ALA A 222 -13.84 5.16 8.31
N GLY A 223 -14.22 3.89 8.33
CA GLY A 223 -13.47 2.84 7.71
C GLY A 223 -12.69 2.00 8.69
N TRP A 224 -12.40 2.54 9.88
CA TRP A 224 -12.07 1.72 11.04
C TRP A 224 -13.40 1.23 11.61
N LYS A 225 -13.57 -0.08 11.73
CA LYS A 225 -14.89 -0.58 12.12
C LYS A 225 -14.80 -2.03 12.56
N PRO A 226 -15.93 -2.71 12.81
CA PRO A 226 -15.85 -4.19 12.85
C PRO A 226 -15.15 -4.72 11.63
N GLY A 227 -15.57 -4.31 10.45
CA GLY A 227 -14.63 -3.97 9.39
C GLY A 227 -15.03 -4.48 8.03
N SER A 228 -14.32 -4.04 7.00
CA SER A 228 -13.99 -4.96 5.92
C SER A 228 -12.52 -4.79 5.53
N GLU A 229 -12.17 -3.69 4.84
CA GLU A 229 -10.79 -3.46 4.42
C GLU A 229 -10.02 -2.37 5.17
N THR A 230 -10.64 -1.66 6.14
CA THR A 230 -9.95 -0.60 6.88
C THR A 230 -9.51 0.53 5.94
N ILE A 231 -10.49 1.32 5.53
CA ILE A 231 -10.25 2.49 4.67
C ILE A 231 -9.46 3.55 5.41
N LEU B 51 19.15 -2.68 25.31
CA LEU B 51 18.36 -3.53 26.19
C LEU B 51 17.40 -4.44 25.43
N SER B 52 17.22 -4.16 24.13
CA SER B 52 16.38 -5.01 23.29
C SER B 52 17.14 -6.26 22.86
N LYS B 53 16.46 -7.41 22.94
CA LYS B 53 17.04 -8.69 22.53
C LYS B 53 16.57 -9.13 21.15
N ALA B 54 15.74 -8.35 20.46
CA ALA B 54 15.22 -8.74 19.16
C ALA B 54 16.21 -8.36 18.06
N LYS B 55 16.69 -9.35 17.31
CA LYS B 55 17.65 -9.14 16.24
C LYS B 55 17.24 -9.95 15.02
N ILE B 56 17.44 -9.37 13.84
CA ILE B 56 17.14 -10.09 12.60
C ILE B 56 18.14 -11.22 12.41
N SER B 57 17.63 -12.40 12.08
CA SER B 57 18.32 -13.65 11.78
C SER B 57 18.79 -14.42 13.02
N LYS B 58 18.68 -13.85 14.22
CA LYS B 58 18.92 -14.64 15.42
C LYS B 58 17.61 -15.16 15.99
N PRO B 59 17.65 -16.21 16.81
CA PRO B 59 16.42 -16.72 17.42
C PRO B 59 15.65 -15.64 18.16
N ALA B 60 14.35 -15.62 17.94
CA ALA B 60 13.49 -14.63 18.57
C ALA B 60 13.50 -14.82 20.09
N PRO B 61 13.54 -13.74 20.86
CA PRO B 61 13.62 -13.87 22.32
C PRO B 61 12.46 -14.70 22.86
N TYR B 62 12.80 -15.69 23.69
CA TYR B 62 11.80 -16.56 24.28
C TYR B 62 10.82 -15.76 25.13
N TRP B 63 9.56 -16.17 25.09
CA TRP B 63 8.55 -15.64 25.99
C TRP B 63 7.60 -16.75 26.39
N GLU B 64 6.99 -16.56 27.56
CA GLU B 64 5.93 -17.44 28.05
C GLU B 64 5.04 -16.60 28.96
N GLY B 65 3.75 -16.93 28.97
CA GLY B 65 2.83 -16.18 29.79
C GLY B 65 1.44 -16.75 29.67
N THR B 66 0.49 -16.09 30.31
CA THR B 66 -0.90 -16.51 30.29
C THR B 66 -1.65 -15.70 29.23
N ALA B 67 -2.31 -16.42 28.33
CA ALA B 67 -3.09 -15.84 27.26
C ALA B 67 -4.56 -16.15 27.45
N VAL B 68 -5.41 -15.31 26.89
CA VAL B 68 -6.83 -15.60 26.75
C VAL B 68 -7.06 -16.13 25.34
N ILE B 69 -7.48 -17.39 25.26
CA ILE B 69 -7.84 -18.04 24.01
C ILE B 69 -9.28 -18.51 24.14
N ASP B 70 -10.13 -18.01 23.25
CA ASP B 70 -11.54 -18.42 23.17
C ASP B 70 -12.22 -18.28 24.53
N GLY B 71 -11.95 -17.15 25.19
CA GLY B 71 -12.55 -16.81 26.46
C GLY B 71 -11.99 -17.50 27.67
N GLU B 72 -11.02 -18.40 27.52
CA GLU B 72 -10.46 -19.10 28.67
C GLU B 72 -8.95 -18.90 28.73
N PHE B 73 -8.39 -19.12 29.91
CA PHE B 73 -6.97 -18.90 30.15
C PHE B 73 -6.18 -20.13 29.72
N LYS B 74 -5.20 -19.92 28.85
CA LYS B 74 -4.28 -20.97 28.45
C LYS B 74 -2.87 -20.46 28.65
N GLU B 75 -1.94 -21.36 28.99
CA GLU B 75 -0.55 -20.99 29.13
C GLU B 75 0.12 -21.13 27.77
N LEU B 76 0.89 -20.12 27.40
CA LEU B 76 1.43 -20.01 26.05
C LEU B 76 2.93 -19.80 26.11
N LYS B 77 3.64 -20.43 25.17
CA LYS B 77 5.08 -20.32 25.05
C LYS B 77 5.42 -20.07 23.59
N LEU B 78 6.51 -19.34 23.35
CA LEU B 78 6.96 -19.10 21.98
C LEU B 78 7.20 -20.42 21.26
N THR B 79 7.81 -21.38 21.96
CA THR B 79 8.14 -22.66 21.37
C THR B 79 6.92 -23.52 21.09
N ASP B 80 5.74 -23.14 21.60
CA ASP B 80 4.51 -23.78 21.15
C ASP B 80 4.31 -23.58 19.65
N TYR B 81 4.79 -22.46 19.13
CA TYR B 81 4.58 -22.12 17.73
C TYR B 81 5.71 -22.59 16.83
N ARG B 82 6.69 -23.30 17.40
CA ARG B 82 7.74 -23.93 16.59
C ARG B 82 7.11 -24.87 15.58
N GLY B 83 7.60 -24.82 14.34
CA GLY B 83 7.04 -25.57 13.25
C GLY B 83 6.10 -24.78 12.37
N LYS B 84 5.65 -23.61 12.82
CA LYS B 84 4.83 -22.72 12.02
C LYS B 84 5.37 -21.31 12.13
N TYR B 85 5.02 -20.49 11.14
CA TYR B 85 5.32 -19.07 11.27
C TYR B 85 4.40 -18.44 12.30
N LEU B 86 4.94 -17.46 13.01
CA LEU B 86 4.20 -16.72 14.02
C LEU B 86 4.33 -15.24 13.73
N VAL B 87 3.21 -14.54 13.54
CA VAL B 87 3.23 -13.10 13.62
C VAL B 87 2.74 -12.69 15.00
N PHE B 88 3.56 -11.92 15.68
CA PHE B 88 3.50 -11.63 17.10
C PHE B 88 3.52 -10.11 17.22
N PHE B 89 2.40 -9.52 17.64
CA PHE B 89 2.39 -8.07 17.67
C PHE B 89 1.83 -7.58 19.00
N PHE B 90 2.26 -6.37 19.37
CA PHE B 90 1.86 -5.76 20.61
C PHE B 90 0.65 -4.85 20.40
N TYR B 91 -0.30 -4.91 21.34
CA TYR B 91 -1.60 -4.27 21.18
C TYR B 91 -1.98 -3.58 22.49
N PRO B 92 -1.53 -2.34 22.68
CA PRO B 92 -1.79 -1.65 23.95
C PRO B 92 -3.27 -1.35 24.17
N LEU B 93 -3.76 -1.67 25.36
CA LEU B 93 -5.10 -1.34 25.85
C LEU B 93 -5.12 -0.13 26.78
N ASP B 94 -4.04 0.61 26.86
CA ASP B 94 -3.81 1.69 27.79
C ASP B 94 -4.43 2.99 27.26
N PHE B 95 -4.01 4.11 27.84
CA PHE B 95 -4.55 5.42 27.47
C PHE B 95 -4.38 5.76 26.00
N THR B 96 -3.33 5.24 25.33
CA THR B 96 -3.27 5.51 23.90
C THR B 96 -4.37 4.80 23.11
N PHE B 97 -5.13 3.89 23.71
CA PHE B 97 -6.05 3.10 22.91
C PHE B 97 -7.12 4.02 22.31
N VAL B 98 -7.58 3.64 21.12
CA VAL B 98 -8.42 4.47 20.27
C VAL B 98 -9.57 3.62 19.73
N SER B 99 -9.28 2.39 19.29
CA SER B 99 -10.29 1.63 18.57
C SER B 99 -9.93 0.16 18.41
N PRO B 100 -10.93 -0.73 18.48
CA PRO B 100 -10.69 -2.18 18.38
C PRO B 100 -10.17 -2.67 17.03
N THR B 101 -10.12 -1.80 16.02
CA THR B 101 -9.95 -2.17 14.61
C THR B 101 -8.90 -3.24 14.32
N GLU B 102 -7.72 -3.18 14.95
CA GLU B 102 -6.61 -3.96 14.44
C GLU B 102 -6.73 -5.46 14.77
N ILE B 103 -6.98 -5.79 16.05
CA ILE B 103 -7.21 -7.19 16.43
C ILE B 103 -8.42 -7.78 15.72
N ILE B 104 -9.45 -6.96 15.49
CA ILE B 104 -10.59 -7.46 14.73
C ILE B 104 -10.16 -7.81 13.31
N ALA B 105 -9.42 -6.90 12.64
CA ALA B 105 -8.96 -7.15 11.29
C ALA B 105 -8.08 -8.39 11.19
N PHE B 106 -7.13 -8.55 12.11
CA PHE B 106 -6.25 -9.71 12.07
C PHE B 106 -7.00 -11.00 12.40
N GLY B 107 -7.91 -10.94 13.36
CA GLY B 107 -8.65 -12.14 13.73
C GLY B 107 -9.61 -12.62 12.65
N ASP B 108 -10.29 -11.69 11.99
CA ASP B 108 -11.24 -12.07 10.94
C ASP B 108 -10.56 -12.77 9.77
N ARG B 109 -9.32 -12.39 9.46
CA ARG B 109 -8.57 -12.95 8.36
C ARG B 109 -7.61 -14.05 8.78
N LEU B 110 -7.68 -14.49 10.05
CA LEU B 110 -6.74 -15.45 10.60
C LEU B 110 -6.66 -16.75 9.79
N GLU B 111 -7.73 -17.09 9.07
CA GLU B 111 -7.69 -18.31 8.25
C GLU B 111 -6.74 -18.14 7.07
N GLU B 112 -6.69 -16.94 6.50
CA GLU B 112 -5.68 -16.64 5.49
C GLU B 112 -4.28 -16.90 6.02
N PHE B 113 -4.01 -16.52 7.28
CA PHE B 113 -2.71 -16.82 7.86
C PHE B 113 -2.50 -18.31 8.03
N ARG B 114 -3.57 -19.06 8.34
CA ARG B 114 -3.38 -20.49 8.54
C ARG B 114 -3.18 -21.24 7.23
N SER B 115 -3.71 -20.72 6.11
CA SER B 115 -3.41 -21.30 4.81
C SER B 115 -1.90 -21.38 4.57
N ILE B 116 -1.17 -20.35 4.97
CA ILE B 116 0.26 -20.26 4.77
C ILE B 116 1.05 -20.73 5.99
N ASN B 117 0.40 -21.47 6.90
CA ASN B 117 1.07 -22.10 8.04
C ASN B 117 1.53 -21.05 9.05
N THR B 118 0.69 -20.06 9.29
CA THR B 118 1.03 -18.93 10.15
C THR B 118 -0.05 -18.74 11.21
N GLU B 119 0.39 -18.58 12.45
CA GLU B 119 -0.45 -18.24 13.58
C GLU B 119 -0.22 -16.79 13.95
N VAL B 120 -1.21 -16.19 14.62
CA VAL B 120 -1.14 -14.80 15.04
C VAL B 120 -1.41 -14.73 16.53
N VAL B 121 -0.57 -14.00 17.26
CA VAL B 121 -0.88 -13.70 18.66
C VAL B 121 -0.51 -12.26 18.96
N ALA B 122 -1.38 -11.61 19.73
CA ALA B 122 -1.18 -10.26 20.22
C ALA B 122 -0.79 -10.33 21.68
N CYS B 123 -0.02 -9.34 22.13
CA CYS B 123 0.43 -9.32 23.50
C CYS B 123 0.31 -7.91 24.04
N SER B 124 0.00 -7.83 25.33
CA SER B 124 -0.26 -6.57 26.00
C SER B 124 0.23 -6.70 27.42
N VAL B 125 0.40 -5.56 28.09
CA VAL B 125 1.06 -5.55 29.39
C VAL B 125 0.07 -5.66 30.53
N ASP B 126 -1.23 -5.79 30.23
CA ASP B 126 -2.29 -6.11 31.19
C ASP B 126 -2.36 -7.61 31.49
N SER B 127 -2.99 -7.91 32.62
CA SER B 127 -3.21 -9.28 33.06
C SER B 127 -4.29 -9.96 32.23
N GLN B 128 -4.30 -11.30 32.28
CA GLN B 128 -5.35 -12.07 31.62
C GLN B 128 -6.75 -11.64 32.05
N PHE B 129 -6.92 -11.20 33.31
CA PHE B 129 -8.24 -10.84 33.79
C PHE B 129 -8.79 -9.59 33.09
N GLU B 130 -7.96 -8.55 32.91
CA GLU B 130 -8.41 -7.37 32.19
C GLU B 130 -8.51 -7.62 30.70
N HIS B 131 -7.72 -8.57 30.20
CA HIS B 131 -7.92 -9.00 28.83
C HIS B 131 -9.32 -9.57 28.66
N LEU B 132 -9.74 -10.44 29.59
CA LEU B 132 -11.08 -11.00 29.51
C LEU B 132 -12.16 -9.94 29.73
N ALA B 133 -11.89 -8.98 30.63
CA ALA B 133 -12.82 -7.87 30.80
C ALA B 133 -12.99 -7.07 29.52
N TRP B 134 -11.88 -6.80 28.82
CA TRP B 134 -11.94 -6.10 27.54
C TRP B 134 -12.70 -6.92 26.51
N ILE B 135 -12.42 -8.22 26.45
CA ILE B 135 -13.10 -9.11 25.51
C ILE B 135 -14.60 -9.17 25.79
N ASN B 136 -14.99 -9.14 27.06
CA ASN B 136 -16.38 -9.18 27.45
C ASN B 136 -17.06 -7.82 27.35
N THR B 137 -16.29 -6.76 27.24
CA THR B 137 -16.86 -5.45 26.96
C THR B 137 -17.21 -5.38 25.48
N PRO B 138 -18.46 -5.10 25.12
CA PRO B 138 -18.83 -5.03 23.71
C PRO B 138 -18.16 -3.84 23.04
N ARG B 139 -17.84 -3.99 21.74
CA ARG B 139 -16.97 -2.99 21.12
C ARG B 139 -17.73 -1.68 20.91
N ARG B 140 -19.06 -1.71 20.84
CA ARG B 140 -19.82 -0.45 20.86
C ARG B 140 -19.51 0.38 22.10
N GLN B 141 -19.23 -0.26 23.23
CA GLN B 141 -18.95 0.43 24.49
C GLN B 141 -17.47 0.72 24.71
N GLY B 142 -16.63 0.44 23.71
CA GLY B 142 -15.21 0.67 23.85
C GLY B 142 -14.40 -0.54 24.25
N GLY B 143 -14.93 -1.75 24.10
CA GLY B 143 -14.20 -2.97 24.34
C GLY B 143 -13.83 -3.65 23.02
N LEU B 144 -13.20 -4.82 23.17
CA LEU B 144 -12.83 -5.59 21.97
C LEU B 144 -13.94 -6.51 21.50
N GLY B 145 -14.85 -6.92 22.39
CA GLY B 145 -15.79 -7.96 22.03
C GLY B 145 -15.04 -9.27 21.83
N PRO B 146 -15.69 -10.25 21.20
CA PRO B 146 -15.01 -11.52 20.93
C PRO B 146 -13.87 -11.33 19.93
N ILE B 147 -12.74 -11.99 20.22
CA ILE B 147 -11.58 -11.96 19.34
C ILE B 147 -11.15 -13.41 19.12
N ARG B 148 -10.62 -13.67 17.93
CA ARG B 148 -10.21 -15.02 17.57
C ARG B 148 -8.69 -15.23 17.54
N ILE B 149 -7.90 -14.32 18.11
CA ILE B 149 -6.48 -14.58 18.24
C ILE B 149 -6.08 -14.49 19.71
N PRO B 150 -5.14 -15.32 20.17
CA PRO B 150 -4.72 -15.27 21.58
C PRO B 150 -4.23 -13.88 21.99
N LEU B 151 -4.66 -13.45 23.17
CA LEU B 151 -4.22 -12.20 23.78
C LEU B 151 -3.29 -12.56 24.93
N LEU B 152 -2.00 -12.33 24.75
CA LEU B 152 -0.97 -12.71 25.72
C LEU B 152 -0.72 -11.60 26.74
N SER B 153 -0.42 -12.02 27.97
CA SER B 153 -0.20 -11.11 29.09
C SER B 153 1.29 -11.01 29.42
N ASP B 154 1.79 -9.77 29.44
CA ASP B 154 3.18 -9.43 29.75
C ASP B 154 3.32 -8.75 31.12
N LEU B 155 2.47 -9.12 32.09
CA LEU B 155 2.43 -8.46 33.40
C LEU B 155 3.81 -8.07 33.93
N THR B 156 4.83 -8.91 33.69
CA THR B 156 6.17 -8.62 34.18
C THR B 156 6.93 -7.59 33.35
N HIS B 157 6.41 -7.19 32.18
CA HIS B 157 7.00 -6.22 31.26
C HIS B 157 8.26 -6.70 30.55
N GLN B 158 8.77 -7.90 30.84
CA GLN B 158 10.07 -8.25 30.30
C GLN B 158 9.97 -8.77 28.86
N ILE B 159 8.78 -9.17 28.43
CA ILE B 159 8.58 -9.48 27.01
C ILE B 159 8.68 -8.20 26.18
N SER B 160 7.91 -7.17 26.58
CA SER B 160 7.94 -5.90 25.86
C SER B 160 9.35 -5.31 25.83
N LYS B 161 10.17 -5.58 26.84
CA LYS B 161 11.54 -5.05 26.85
C LYS B 161 12.47 -5.91 26.01
N ASP B 162 12.32 -7.24 26.08
CA ASP B 162 13.11 -8.12 25.23
C ASP B 162 12.90 -7.79 23.75
N TYR B 163 11.69 -7.36 23.40
CA TYR B 163 11.36 -6.98 22.03
C TYR B 163 11.56 -5.49 21.79
N GLY B 164 12.12 -4.77 22.75
CA GLY B 164 12.46 -3.37 22.60
C GLY B 164 11.28 -2.47 22.33
N VAL B 165 10.07 -2.90 22.68
CA VAL B 165 8.86 -2.14 22.37
C VAL B 165 8.32 -1.38 23.58
N TYR B 166 8.94 -1.52 24.76
CA TYR B 166 8.43 -0.96 26.00
C TYR B 166 9.08 0.39 26.28
N LEU B 167 8.25 1.39 26.58
CA LEU B 167 8.73 2.72 26.95
C LEU B 167 8.58 2.88 28.46
N GLU B 168 9.71 3.00 29.15
CA GLU B 168 9.71 2.86 30.60
C GLU B 168 9.26 4.15 31.30
N ASP B 169 9.13 5.24 30.54
CA ASP B 169 8.56 6.47 31.09
C ASP B 169 7.05 6.34 31.35
N SER B 170 6.31 5.89 30.34
CA SER B 170 4.86 5.85 30.37
C SER B 170 4.28 4.46 30.64
N GLY B 171 5.11 3.43 30.74
CA GLY B 171 4.56 2.09 30.75
C GLY B 171 3.90 1.67 29.47
N HIS B 172 3.99 2.48 28.41
CA HIS B 172 3.30 2.19 27.15
C HIS B 172 4.17 1.32 26.24
N THR B 173 3.48 0.50 25.46
CA THR B 173 4.11 -0.37 24.48
C THR B 173 3.88 0.21 23.08
N LEU B 174 4.97 0.38 22.32
CA LEU B 174 4.85 0.75 20.92
C LEU B 174 4.18 -0.40 20.17
N ARG B 175 3.62 -0.12 19.00
CA ARG B 175 2.97 -1.23 18.31
C ARG B 175 4.04 -1.86 17.44
N GLY B 176 4.69 -2.89 17.98
CA GLY B 176 5.62 -3.67 17.21
C GLY B 176 4.90 -4.86 16.61
N LEU B 177 5.34 -5.24 15.42
CA LEU B 177 4.88 -6.46 14.79
C LEU B 177 6.12 -7.23 14.38
N PHE B 178 6.15 -8.52 14.68
CA PHE B 178 7.32 -9.35 14.47
C PHE B 178 6.91 -10.65 13.79
N ILE B 179 7.65 -11.03 12.76
CA ILE B 179 7.40 -12.25 12.02
C ILE B 179 8.52 -13.22 12.34
N ILE B 180 8.17 -14.38 12.90
CA ILE B 180 9.11 -15.37 13.38
C ILE B 180 8.89 -16.64 12.57
N ASP B 181 9.96 -17.17 11.99
CA ASP B 181 9.80 -18.30 11.08
C ASP B 181 9.65 -19.60 11.87
N ASP B 182 9.40 -20.70 11.14
CA ASP B 182 9.09 -21.98 11.74
C ASP B 182 10.22 -22.58 12.57
N LYS B 183 11.44 -22.04 12.47
CA LYS B 183 12.56 -22.48 13.31
C LYS B 183 12.83 -21.54 14.49
N GLY B 184 11.99 -20.53 14.70
CA GLY B 184 12.17 -19.61 15.80
C GLY B 184 13.08 -18.43 15.50
N ILE B 185 13.55 -18.28 14.27
CA ILE B 185 14.38 -17.15 13.89
C ILE B 185 13.49 -15.93 13.66
N LEU B 186 13.96 -14.76 14.10
CA LEU B 186 13.24 -13.51 13.89
C LEU B 186 13.55 -12.96 12.51
N ARG B 187 12.53 -12.85 11.65
CA ARG B 187 12.75 -12.36 10.30
C ARG B 187 12.26 -10.95 10.03
N GLN B 188 11.42 -10.36 10.88
CA GLN B 188 10.91 -9.02 10.55
C GLN B 188 10.63 -8.24 11.82
N ILE B 189 11.00 -6.97 11.81
CA ILE B 189 10.66 -6.03 12.88
C ILE B 189 9.99 -4.82 12.24
N THR B 190 8.76 -4.54 12.69
CA THR B 190 8.01 -3.35 12.26
C THR B 190 7.60 -2.58 13.51
N LEU B 191 8.06 -1.34 13.62
CA LEU B 191 7.75 -0.50 14.77
C LEU B 191 7.14 0.82 14.32
N ASN B 192 6.00 1.16 14.93
CA ASN B 192 5.47 2.53 14.93
C ASN B 192 4.52 2.63 16.11
N ASP B 193 4.04 3.84 16.36
CA ASP B 193 3.09 4.09 17.45
C ASP B 193 1.66 4.30 16.97
N LEU B 194 1.37 3.97 15.72
CA LEU B 194 0.03 4.18 15.17
C LEU B 194 -0.99 3.29 15.88
N PRO B 195 -2.07 3.84 16.44
CA PRO B 195 -3.15 2.98 16.96
C PRO B 195 -3.60 1.97 15.94
N VAL B 196 -3.88 2.43 14.72
CA VAL B 196 -4.06 1.54 13.60
C VAL B 196 -3.46 2.28 12.41
N GLY B 197 -2.59 1.59 11.68
CA GLY B 197 -2.11 0.30 12.16
C GLY B 197 -1.12 -0.42 11.29
N ARG B 198 -1.02 -1.74 11.50
CA ARG B 198 -0.36 -2.62 10.57
C ARG B 198 -1.39 -3.08 9.54
N SER B 199 -0.95 -3.88 8.58
CA SER B 199 -1.76 -4.27 7.44
C SER B 199 -1.73 -5.79 7.32
N VAL B 200 -2.91 -6.41 7.30
CA VAL B 200 -2.95 -7.86 7.18
C VAL B 200 -2.41 -8.28 5.82
N ASP B 201 -2.71 -7.49 4.78
CA ASP B 201 -2.23 -7.80 3.43
C ASP B 201 -0.71 -7.81 3.35
N GLU B 202 -0.05 -6.78 3.90
CA GLU B 202 1.41 -6.73 3.80
C GLU B 202 2.06 -7.70 4.78
N THR B 203 1.39 -8.04 5.87
CA THR B 203 1.93 -9.07 6.75
C THR B 203 1.97 -10.42 6.06
N LEU B 204 0.86 -10.81 5.40
CA LEU B 204 0.88 -12.09 4.70
C LEU B 204 1.84 -12.05 3.52
N ARG B 205 1.95 -10.89 2.87
CA ARG B 205 2.91 -10.79 1.77
C ARG B 205 4.34 -10.96 2.26
N LEU B 206 4.63 -10.46 3.46
CA LEU B 206 5.96 -10.65 4.03
C LEU B 206 6.17 -12.12 4.38
N VAL B 207 5.15 -12.75 4.98
CA VAL B 207 5.28 -14.16 5.34
C VAL B 207 5.56 -15.01 4.10
N GLN B 208 4.85 -14.75 3.00
CA GLN B 208 5.09 -15.52 1.77
C GLN B 208 6.46 -15.21 1.18
N ALA B 209 6.93 -13.96 1.28
CA ALA B 209 8.27 -13.66 0.81
C ALA B 209 9.32 -14.43 1.59
N PHE B 210 9.14 -14.56 2.91
CA PHE B 210 10.12 -15.30 3.70
C PHE B 210 10.11 -16.78 3.35
N GLN B 211 8.92 -17.35 3.18
CA GLN B 211 8.85 -18.76 2.83
C GLN B 211 9.42 -19.02 1.43
N TYR B 212 9.20 -18.10 0.49
CA TYR B 212 9.78 -18.27 -0.83
C TYR B 212 11.30 -18.21 -0.76
N THR B 213 11.84 -17.26 0.02
CA THR B 213 13.28 -17.22 0.21
C THR B 213 13.80 -18.52 0.79
N ASP B 214 13.04 -19.13 1.71
CA ASP B 214 13.50 -20.37 2.33
C ASP B 214 13.51 -21.52 1.34
N LYS B 215 12.49 -21.60 0.47
CA LYS B 215 12.50 -22.71 -0.47
C LYS B 215 13.35 -22.44 -1.71
N HIS B 216 13.32 -21.22 -2.23
CA HIS B 216 14.16 -20.88 -3.38
C HIS B 216 15.10 -19.75 -2.96
N GLY B 217 16.33 -20.09 -2.57
CA GLY B 217 17.19 -19.06 -2.03
C GLY B 217 18.24 -18.51 -2.98
N GLU B 218 18.60 -19.30 -3.98
CA GLU B 218 19.65 -18.96 -4.93
C GLU B 218 19.09 -18.55 -6.29
N VAL B 219 17.80 -18.23 -6.38
CA VAL B 219 17.18 -17.95 -7.67
C VAL B 219 16.54 -16.57 -7.59
N CYS B 220 16.47 -15.87 -8.72
CA CYS B 220 15.64 -14.69 -8.82
C CYS B 220 14.33 -15.02 -9.50
N PRO B 221 13.17 -14.77 -8.87
CA PRO B 221 11.90 -14.92 -9.59
C PRO B 221 11.79 -13.90 -10.71
N ALA B 222 11.10 -14.29 -11.79
CA ALA B 222 10.87 -13.38 -12.92
C ALA B 222 10.18 -12.08 -12.52
N GLY B 223 9.50 -12.03 -11.38
CA GLY B 223 8.76 -10.83 -11.00
C GLY B 223 9.66 -9.65 -10.65
N TRP B 224 10.92 -9.92 -10.31
CA TRP B 224 11.92 -8.88 -10.17
C TRP B 224 12.39 -8.45 -11.56
N LYS B 225 12.72 -7.17 -11.68
CA LYS B 225 12.91 -6.57 -13.00
C LYS B 225 14.38 -6.24 -13.29
N GLU C 6 -31.91 18.91 27.05
CA GLU C 6 -31.10 17.70 26.94
C GLU C 6 -30.58 17.56 25.51
N ILE C 7 -29.83 16.49 25.24
CA ILE C 7 -29.28 16.26 23.91
C ILE C 7 -30.27 15.40 23.14
N THR C 8 -30.89 16.01 22.12
CA THR C 8 -31.77 15.24 21.25
C THR C 8 -30.95 14.26 20.43
N SER C 9 -31.39 13.00 20.42
CA SER C 9 -30.83 12.00 19.52
C SER C 9 -31.63 12.05 18.23
N LEU C 10 -30.99 12.46 17.15
CA LEU C 10 -31.66 12.59 15.87
C LEU C 10 -31.77 11.25 15.18
N ASP C 11 -32.84 11.08 14.41
CA ASP C 11 -32.98 9.96 13.49
C ASP C 11 -33.68 10.46 12.24
N THR C 12 -33.89 9.55 11.29
CA THR C 12 -34.42 9.94 9.98
C THR C 12 -35.76 10.66 10.10
N GLU C 13 -36.53 10.37 11.15
CA GLU C 13 -37.88 10.93 11.22
C GLU C 13 -37.89 12.37 11.73
N ASN C 14 -37.14 12.67 12.80
CA ASN C 14 -37.18 14.00 13.41
C ASN C 14 -36.04 14.90 12.97
N ILE C 15 -35.13 14.42 12.11
CA ILE C 15 -33.92 15.19 11.79
C ILE C 15 -34.29 16.54 11.17
N ASP C 16 -35.09 16.50 10.10
CA ASP C 16 -35.31 17.70 9.31
C ASP C 16 -36.00 18.79 10.14
N GLU C 17 -37.17 18.49 10.71
CA GLU C 17 -37.90 19.50 11.49
C GLU C 17 -37.05 20.09 12.61
N ILE C 18 -36.38 19.23 13.40
CA ILE C 18 -35.62 19.73 14.53
C ILE C 18 -34.51 20.67 14.07
N LEU C 19 -33.81 20.32 12.99
CA LEU C 19 -32.71 21.19 12.55
C LEU C 19 -33.24 22.45 11.89
N ASN C 20 -34.35 22.35 11.16
CA ASN C 20 -34.87 23.50 10.44
C ASN C 20 -35.44 24.55 11.37
N ASN C 21 -36.16 24.14 12.42
CA ASN C 21 -36.76 25.12 13.32
C ASN C 21 -35.76 25.72 14.31
N ALA C 22 -34.62 25.07 14.51
CA ALA C 22 -33.56 25.64 15.34
C ALA C 22 -32.82 26.75 14.60
N ASP C 23 -32.55 27.85 15.31
CA ASP C 23 -31.76 28.95 14.75
C ASP C 23 -30.27 28.67 14.81
N VAL C 24 -29.81 27.99 15.86
CA VAL C 24 -28.49 27.40 15.90
C VAL C 24 -28.64 25.97 16.36
N ALA C 25 -27.98 25.05 15.67
CA ALA C 25 -27.93 23.66 16.08
C ALA C 25 -26.50 23.17 15.91
N LEU C 26 -25.88 22.75 17.01
CA LEU C 26 -24.58 22.10 16.97
C LEU C 26 -24.83 20.61 17.17
N VAL C 27 -24.58 19.82 16.12
CA VAL C 27 -24.91 18.40 16.17
C VAL C 27 -23.62 17.58 16.14
N ASN C 28 -23.55 16.56 17.00
CA ASN C 28 -22.37 15.75 17.22
C ASN C 28 -22.56 14.43 16.47
N PHE C 29 -21.80 14.24 15.39
CA PHE C 29 -21.82 13.00 14.63
C PHE C 29 -20.74 12.10 15.22
N TYR C 30 -21.17 11.01 15.85
CA TYR C 30 -20.31 10.18 16.66
C TYR C 30 -20.47 8.71 16.30
N ALA C 31 -19.49 7.92 16.71
CA ALA C 31 -19.57 6.47 16.72
C ALA C 31 -18.89 5.98 17.99
N ASP C 32 -19.58 5.10 18.73
CA ASP C 32 -19.14 4.78 20.08
C ASP C 32 -18.00 3.77 20.13
N TRP C 33 -17.74 3.03 19.05
CA TRP C 33 -16.53 2.21 19.02
C TRP C 33 -15.27 3.05 18.95
N CYS C 34 -15.40 4.36 18.74
CA CYS C 34 -14.28 5.29 18.74
C CYS C 34 -14.21 6.01 20.09
N ARG C 35 -13.04 5.98 20.72
CA ARG C 35 -12.91 6.52 22.08
C ARG C 35 -13.04 8.04 22.10
N PHE C 36 -12.56 8.73 21.05
CA PHE C 36 -12.68 10.18 21.02
C PHE C 36 -14.14 10.62 21.14
N SER C 37 -15.06 9.85 20.57
CA SER C 37 -16.48 10.15 20.69
C SER C 37 -16.96 10.02 22.13
N GLN C 38 -16.69 8.86 22.76
CA GLN C 38 -17.13 8.64 24.14
C GLN C 38 -16.54 9.68 25.08
N MET C 39 -15.26 9.99 24.90
CA MET C 39 -14.66 11.11 25.63
C MET C 39 -15.34 12.43 25.34
N LEU C 40 -15.96 12.59 24.16
CA LEU C 40 -16.62 13.87 23.89
C LEU C 40 -17.98 13.99 24.57
N HIS C 41 -18.77 12.90 24.61
CA HIS C 41 -20.15 12.95 25.09
C HIS C 41 -20.37 13.74 26.38
N PRO C 42 -19.62 13.54 27.47
CA PRO C 42 -19.92 14.30 28.70
C PRO C 42 -19.67 15.79 28.54
N ILE C 43 -18.56 16.16 27.88
CA ILE C 43 -18.24 17.57 27.65
C ILE C 43 -19.34 18.20 26.79
N PHE C 44 -19.88 17.44 25.85
CA PHE C 44 -20.99 17.91 25.02
C PHE C 44 -22.24 18.16 25.87
N GLU C 45 -22.58 17.22 26.75
CA GLU C 45 -23.75 17.39 27.61
C GLU C 45 -23.62 18.63 28.48
N GLU C 46 -22.46 18.79 29.14
CA GLU C 46 -22.29 19.93 30.04
C GLU C 46 -22.31 21.24 29.28
N ALA C 47 -21.57 21.32 28.16
CA ALA C 47 -21.62 22.53 27.34
C ALA C 47 -23.04 22.85 26.93
N SER C 48 -23.83 21.83 26.60
CA SER C 48 -25.23 22.03 26.24
C SER C 48 -26.01 22.67 27.38
N ASP C 49 -25.79 22.20 28.62
CA ASP C 49 -26.50 22.83 29.74
C ASP C 49 -26.07 24.28 29.92
N VAL C 50 -24.75 24.52 29.92
CA VAL C 50 -24.22 25.87 30.07
C VAL C 50 -24.85 26.82 29.06
N ILE C 51 -25.00 26.36 27.81
CA ILE C 51 -25.60 27.24 26.82
C ILE C 51 -27.12 27.32 27.01
N LYS C 52 -27.76 26.24 27.47
CA LYS C 52 -29.20 26.26 27.65
C LYS C 52 -29.64 27.29 28.69
N GLU C 53 -28.79 27.58 29.68
CA GLU C 53 -29.16 28.62 30.63
C GLU C 53 -28.93 30.03 30.07
N GLU C 54 -28.04 30.18 29.08
CA GLU C 54 -27.66 31.47 28.52
C GLU C 54 -28.65 31.93 27.46
N PHE C 55 -29.76 31.21 27.34
CA PHE C 55 -30.63 31.07 26.20
C PHE C 55 -31.77 30.42 27.00
N PRO C 56 -32.68 29.62 26.40
CA PRO C 56 -33.22 29.09 25.14
C PRO C 56 -34.25 29.86 24.32
N ASN C 57 -35.27 30.44 24.97
CA ASN C 57 -36.57 30.65 24.34
C ASN C 57 -36.96 29.43 23.47
N GLU C 58 -36.40 28.28 23.89
CA GLU C 58 -36.45 26.92 23.37
C GLU C 58 -35.86 26.71 21.97
N ASN C 59 -35.78 27.74 21.11
CA ASN C 59 -35.22 27.54 19.78
C ASN C 59 -33.89 28.26 19.49
N GLN C 60 -33.35 29.05 20.42
CA GLN C 60 -32.14 29.82 20.10
C GLN C 60 -30.98 28.91 19.70
N VAL C 61 -30.63 27.96 20.57
CA VAL C 61 -29.50 27.07 20.35
C VAL C 61 -29.91 25.66 20.71
N VAL C 62 -29.55 24.70 19.87
CA VAL C 62 -29.94 23.31 20.05
C VAL C 62 -28.71 22.42 19.93
N PHE C 63 -28.46 21.61 20.95
CA PHE C 63 -27.44 20.57 20.91
C PHE C 63 -28.10 19.25 20.56
N ALA C 64 -27.66 18.64 19.47
CA ALA C 64 -28.20 17.35 19.06
C ALA C 64 -27.05 16.40 18.74
N ARG C 65 -27.40 15.16 18.42
CA ARG C 65 -26.42 14.11 18.24
C ARG C 65 -26.92 13.16 17.15
N VAL C 66 -25.98 12.46 16.52
CA VAL C 66 -26.31 11.43 15.56
C VAL C 66 -25.37 10.25 15.78
N ASP C 67 -25.95 9.06 15.96
CA ASP C 67 -25.16 7.84 16.04
C ASP C 67 -25.06 7.30 14.62
N CYS C 68 -23.86 7.38 14.04
CA CYS C 68 -23.68 7.02 12.64
C CYS C 68 -23.62 5.52 12.44
N ASP C 69 -23.28 4.76 13.49
CA ASP C 69 -23.50 3.32 13.47
C ASP C 69 -24.97 3.02 13.22
N GLN C 70 -25.86 3.61 14.01
CA GLN C 70 -27.29 3.38 13.82
C GLN C 70 -27.78 3.98 12.52
N HIS C 71 -27.57 5.26 12.31
CA HIS C 71 -28.07 5.91 11.11
C HIS C 71 -26.87 6.25 10.23
N SER C 72 -26.61 5.39 9.25
CA SER C 72 -25.58 5.65 8.25
C SER C 72 -26.12 6.50 7.12
N ASP C 73 -27.42 6.39 6.85
CA ASP C 73 -28.11 7.31 5.96
C ASP C 73 -27.79 8.76 6.31
N ILE C 74 -28.14 9.18 7.54
CA ILE C 74 -27.87 10.54 7.99
C ILE C 74 -26.38 10.86 7.85
N ALA C 75 -25.52 9.89 8.17
CA ALA C 75 -24.08 10.13 8.13
C ALA C 75 -23.62 10.49 6.72
N GLN C 76 -24.05 9.71 5.72
CA GLN C 76 -23.58 9.97 4.36
C GLN C 76 -24.29 11.16 3.73
N ARG C 77 -25.51 11.46 4.18
CA ARG C 77 -26.18 12.68 3.73
C ARG C 77 -25.30 13.90 3.95
N TYR C 78 -24.67 13.97 5.12
CA TYR C 78 -23.79 15.06 5.49
C TYR C 78 -22.31 14.73 5.28
N ARG C 79 -22.01 13.57 4.71
CA ARG C 79 -20.66 13.21 4.30
C ARG C 79 -19.70 13.21 5.48
N ILE C 80 -20.06 12.48 6.52
CA ILE C 80 -19.23 12.40 7.72
C ILE C 80 -18.18 11.33 7.48
N SER C 81 -16.91 11.74 7.40
CA SER C 81 -15.80 10.81 7.13
C SER C 81 -15.02 10.42 8.37
N LYS C 82 -15.34 10.97 9.54
CA LYS C 82 -14.54 10.74 10.73
C LYS C 82 -15.41 10.91 11.96
N TYR C 83 -14.92 10.42 13.10
CA TYR C 83 -15.64 10.59 14.34
C TYR C 83 -14.73 11.07 15.47
N PRO C 84 -15.22 12.00 16.29
CA PRO C 84 -16.47 12.75 16.12
C PRO C 84 -16.31 13.91 15.13
N THR C 85 -17.40 14.36 14.53
CA THR C 85 -17.43 15.66 13.85
C THR C 85 -18.62 16.44 14.34
N LEU C 86 -18.39 17.70 14.71
CA LEU C 86 -19.45 18.60 15.12
C LEU C 86 -19.77 19.56 13.99
N LYS C 87 -21.05 19.70 13.66
CA LYS C 87 -21.46 20.55 12.56
C LYS C 87 -22.43 21.61 13.06
N LEU C 88 -22.37 22.79 12.45
CA LEU C 88 -23.24 23.90 12.80
C LEU C 88 -24.28 24.07 11.70
N PHE C 89 -25.55 23.93 12.08
CA PHE C 89 -26.69 24.20 11.23
C PHE C 89 -27.33 25.48 11.71
N ARG C 90 -27.53 26.45 10.81
CA ARG C 90 -28.18 27.63 11.34
C ARG C 90 -29.68 27.41 11.38
N ASN C 91 -30.36 27.53 10.25
CA ASN C 91 -31.78 27.18 10.18
C ASN C 91 -32.02 25.81 9.53
N GLY C 92 -30.98 24.98 9.44
CA GLY C 92 -31.02 23.72 8.72
C GLY C 92 -30.12 23.70 7.52
N MET C 93 -29.64 24.86 7.08
CA MET C 93 -28.45 24.93 6.25
C MET C 93 -27.24 24.58 7.10
N MET C 94 -26.39 23.72 6.56
CA MET C 94 -25.19 23.28 7.28
C MET C 94 -24.02 24.19 6.94
N MET C 95 -23.49 24.88 7.95
CA MET C 95 -22.32 25.72 7.74
C MET C 95 -21.14 24.88 7.27
N LYS C 96 -20.39 25.41 6.29
CA LYS C 96 -19.32 24.64 5.66
C LYS C 96 -18.08 24.52 6.55
N ARG C 97 -18.02 25.22 7.67
CA ARG C 97 -16.88 25.08 8.58
C ARG C 97 -17.32 24.32 9.83
N GLU C 98 -16.75 23.15 10.01
CA GLU C 98 -16.93 22.34 11.21
C GLU C 98 -16.35 23.05 12.42
N TYR C 99 -16.74 22.59 13.60
CA TYR C 99 -16.01 22.98 14.80
C TYR C 99 -14.74 22.14 14.85
N ARG C 100 -13.61 22.81 14.66
CA ARG C 100 -12.29 22.22 14.85
C ARG C 100 -11.64 22.64 16.16
N GLY C 101 -12.33 23.43 16.98
CA GLY C 101 -11.73 23.98 18.17
C GLY C 101 -11.41 22.91 19.21
N GLN C 102 -10.84 23.39 20.32
CA GLN C 102 -10.59 22.55 21.47
C GLN C 102 -11.89 21.90 21.93
N ARG C 103 -11.79 20.68 22.45
CA ARG C 103 -12.96 20.01 23.01
C ARG C 103 -12.90 20.19 24.51
N SER C 104 -13.72 21.13 24.98
CA SER C 104 -13.83 21.52 26.37
C SER C 104 -15.16 22.24 26.49
N VAL C 105 -15.66 22.36 27.72
CA VAL C 105 -16.94 22.99 27.91
C VAL C 105 -16.88 24.47 27.57
N LYS C 106 -15.79 25.15 27.97
CA LYS C 106 -15.72 26.58 27.73
C LYS C 106 -15.38 26.89 26.27
N ALA C 107 -14.65 26.02 25.58
CA ALA C 107 -14.39 26.26 24.16
C ALA C 107 -15.67 26.14 23.36
N LEU C 108 -16.42 25.06 23.56
CA LEU C 108 -17.71 24.89 22.88
C LEU C 108 -18.67 26.01 23.24
N ALA C 109 -18.68 26.41 24.52
CA ALA C 109 -19.58 27.48 24.96
C ALA C 109 -19.24 28.80 24.28
N ASP C 110 -17.98 29.22 24.36
CA ASP C 110 -17.55 30.43 23.67
C ASP C 110 -17.83 30.34 22.17
N TYR C 111 -17.79 29.14 21.60
CA TYR C 111 -18.09 28.97 20.19
C TYR C 111 -19.57 29.27 19.89
N ILE C 112 -20.47 28.71 20.68
CA ILE C 112 -21.89 28.98 20.49
C ILE C 112 -22.20 30.46 20.71
N ARG C 113 -21.57 31.08 21.72
CA ARG C 113 -21.75 32.50 21.94
C ARG C 113 -21.23 33.32 20.75
N GLN C 114 -20.12 32.88 20.16
CA GLN C 114 -19.57 33.58 19.01
C GLN C 114 -20.55 33.56 17.85
N GLN C 115 -21.10 32.39 17.54
CA GLN C 115 -21.96 32.31 16.36
C GLN C 115 -23.33 32.93 16.61
N LYS C 116 -23.77 33.02 17.87
CA LYS C 116 -25.00 33.74 18.19
C LYS C 116 -24.80 35.26 18.27
N SER C 117 -23.56 35.73 18.19
CA SER C 117 -23.28 37.17 18.20
C SER C 117 -23.61 37.80 16.84
N ASP C 118 -23.78 39.13 16.85
CA ASP C 118 -24.09 39.92 15.66
C ASP C 118 -22.80 40.26 14.91
N PRO C 119 -22.61 39.69 13.71
CA PRO C 119 -21.42 40.00 12.92
C PRO C 119 -21.40 41.36 12.26
N ILE C 120 -22.56 42.03 12.13
CA ILE C 120 -22.61 43.30 11.42
C ILE C 120 -22.09 44.42 12.31
N GLN C 121 -21.26 45.29 11.74
CA GLN C 121 -20.64 46.38 12.47
C GLN C 121 -21.28 47.71 12.06
N GLU C 122 -21.78 48.46 13.03
CA GLU C 122 -22.46 49.71 12.77
C GLU C 122 -21.47 50.83 12.44
N ILE C 123 -21.94 51.86 11.73
CA ILE C 123 -21.12 52.96 11.23
C ILE C 123 -21.92 54.25 11.34
N ARG C 124 -21.21 55.38 11.31
CA ARG C 124 -21.81 56.72 11.42
C ARG C 124 -21.92 57.33 10.03
N ASP C 125 -23.15 57.42 9.51
CA ASP C 125 -23.43 58.00 8.19
C ASP C 125 -22.45 57.48 7.15
N LEU C 126 -21.71 58.40 6.54
CA LEU C 126 -20.57 58.06 5.70
C LEU C 126 -19.31 58.36 6.50
N ALA C 127 -18.67 57.32 7.03
CA ALA C 127 -17.52 57.57 7.89
C ALA C 127 -16.24 56.96 7.35
N GLU C 128 -16.07 55.63 7.46
CA GLU C 128 -14.90 54.97 6.93
C GLU C 128 -15.14 54.36 5.55
N ILE C 129 -16.31 54.55 4.95
CA ILE C 129 -16.44 54.04 3.59
C ILE C 129 -15.40 54.71 2.69
N THR C 130 -14.70 55.73 3.21
CA THR C 130 -13.47 56.26 2.64
C THR C 130 -12.50 55.16 2.23
N THR C 131 -11.89 54.46 3.19
CA THR C 131 -10.93 53.41 2.87
C THR C 131 -11.18 52.15 3.70
N LEU C 132 -11.53 51.09 3.03
CA LEU C 132 -11.59 49.67 3.41
C LEU C 132 -10.81 48.82 2.40
N ASP C 133 -10.92 49.17 1.14
CA ASP C 133 -10.93 48.31 -0.03
C ASP C 133 -9.58 47.72 -0.50
N ARG C 134 -9.65 47.10 -1.67
CA ARG C 134 -8.90 45.88 -1.98
C ARG C 134 -9.05 45.00 -0.76
N SER C 135 -7.97 44.36 -0.29
CA SER C 135 -8.05 43.51 0.90
C SER C 135 -9.24 42.58 0.74
N LYS C 136 -10.24 42.77 1.59
CA LYS C 136 -11.44 41.95 1.63
C LYS C 136 -12.56 42.58 0.81
N ARG C 137 -13.67 41.86 0.68
CA ARG C 137 -14.92 42.41 0.19
C ARG C 137 -15.66 43.12 1.32
N ASN C 138 -16.53 44.06 0.93
CA ASN C 138 -17.38 44.73 1.90
C ASN C 138 -18.82 44.78 1.39
N ILE C 139 -19.75 44.80 2.32
CA ILE C 139 -21.16 45.04 2.02
C ILE C 139 -21.76 45.78 3.21
N ILE C 140 -22.60 46.78 2.92
CA ILE C 140 -23.17 47.64 3.96
C ILE C 140 -24.64 47.82 3.67
N GLY C 141 -25.47 47.46 4.66
CA GLY C 141 -26.88 47.76 4.62
C GLY C 141 -27.17 49.13 5.20
N TYR C 142 -28.16 49.79 4.61
CA TYR C 142 -28.62 51.11 5.02
C TYR C 142 -30.02 50.94 5.58
N PHE C 143 -30.14 51.12 6.91
CA PHE C 143 -31.40 51.00 7.63
C PHE C 143 -31.61 52.22 8.52
N GLU C 144 -32.80 52.83 8.42
CA GLU C 144 -33.14 53.93 9.32
C GLU C 144 -33.31 53.47 10.76
N GLN C 145 -33.43 52.16 10.99
CA GLN C 145 -33.54 51.59 12.33
C GLN C 145 -33.01 50.17 12.27
N LYS C 146 -32.52 49.67 13.40
CA LYS C 146 -31.95 48.34 13.45
C LYS C 146 -32.95 47.26 13.85
N ASP C 147 -34.23 47.63 14.07
CA ASP C 147 -35.31 46.67 14.20
C ASP C 147 -36.16 46.84 12.95
N SER C 148 -36.01 45.91 12.01
CA SER C 148 -36.79 45.87 10.79
C SER C 148 -36.63 44.47 10.23
N ASP C 149 -37.61 44.04 9.43
CA ASP C 149 -37.49 42.74 8.77
C ASP C 149 -36.30 42.72 7.81
N ASN C 150 -36.03 43.85 7.14
CA ASN C 150 -34.83 43.99 6.32
C ASN C 150 -33.58 43.68 7.14
N TYR C 151 -33.46 44.25 8.35
CA TYR C 151 -32.22 44.08 9.10
C TYR C 151 -32.08 42.68 9.67
N ARG C 152 -33.17 42.02 10.03
CA ARG C 152 -33.04 40.64 10.48
C ARG C 152 -32.66 39.71 9.34
N VAL C 153 -33.23 39.92 8.14
CA VAL C 153 -32.79 39.18 6.97
C VAL C 153 -31.29 39.38 6.74
N PHE C 154 -30.86 40.65 6.71
CA PHE C 154 -29.45 40.99 6.55
C PHE C 154 -28.61 40.32 7.64
N GLU C 155 -29.17 40.18 8.84
CA GLU C 155 -28.41 39.60 9.94
C GLU C 155 -28.25 38.10 9.80
N ARG C 156 -29.27 37.40 9.29
CA ARG C 156 -29.09 35.99 8.95
C ARG C 156 -27.99 35.83 7.91
N VAL C 157 -28.14 36.51 6.76
CA VAL C 157 -27.14 36.42 5.70
C VAL C 157 -25.75 36.72 6.25
N ALA C 158 -25.66 37.67 7.17
CA ALA C 158 -24.38 38.00 7.79
C ALA C 158 -23.85 36.84 8.61
N ASN C 159 -24.72 36.23 9.42
CA ASN C 159 -24.30 35.10 10.25
C ASN C 159 -23.71 33.98 9.42
N ILE C 160 -24.33 33.66 8.28
CA ILE C 160 -23.75 32.63 7.43
C ILE C 160 -22.44 33.12 6.80
N LEU C 161 -22.47 34.32 6.22
CA LEU C 161 -21.43 34.77 5.29
C LEU C 161 -20.36 35.66 5.90
N HIS C 162 -20.37 35.91 7.22
CA HIS C 162 -19.45 36.91 7.78
C HIS C 162 -17.98 36.54 7.61
N ASP C 163 -17.67 35.31 7.19
CA ASP C 163 -16.28 34.92 7.01
C ASP C 163 -15.70 35.37 5.67
N ASP C 164 -16.50 35.38 4.61
CA ASP C 164 -16.04 35.80 3.30
C ASP C 164 -16.32 37.27 3.01
N CYS C 165 -16.91 38.00 3.95
CA CYS C 165 -17.13 39.42 3.72
C CYS C 165 -17.32 40.13 5.04
N ALA C 166 -17.15 41.45 5.01
CA ALA C 166 -17.45 42.32 6.13
C ALA C 166 -18.82 42.93 5.91
N PHE C 167 -19.70 42.77 6.90
CA PHE C 167 -21.05 43.30 6.88
C PHE C 167 -21.13 44.51 7.80
N LEU C 168 -21.71 45.61 7.30
CA LEU C 168 -21.90 46.78 8.14
C LEU C 168 -23.33 47.32 7.96
N SER C 169 -23.65 48.34 8.76
CA SER C 169 -24.99 48.93 8.81
C SER C 169 -24.87 50.44 9.01
N ALA C 170 -25.91 51.16 8.60
CA ALA C 170 -25.88 52.62 8.69
C ALA C 170 -27.31 53.13 8.81
N PHE C 171 -27.48 54.45 8.64
CA PHE C 171 -28.80 55.07 8.53
C PHE C 171 -28.66 56.35 7.71
N GLY C 172 -29.77 56.77 7.09
CA GLY C 172 -29.84 58.04 6.41
C GLY C 172 -29.81 58.00 4.90
N ASP C 173 -29.74 56.83 4.28
CA ASP C 173 -29.68 56.72 2.83
C ASP C 173 -30.94 56.07 2.27
N VAL C 174 -31.33 56.52 1.09
CA VAL C 174 -32.45 55.92 0.38
C VAL C 174 -31.92 55.08 -0.78
N ASP C 183 -34.63 51.67 2.35
CA ASP C 183 -33.66 50.75 2.90
C ASP C 183 -32.95 49.92 1.84
N ASN C 184 -31.62 49.95 1.84
CA ASN C 184 -30.93 49.34 0.73
C ASN C 184 -29.52 48.91 1.12
N ILE C 185 -29.08 47.80 0.55
CA ILE C 185 -27.76 47.25 0.85
C ILE C 185 -26.93 47.31 -0.42
N ILE C 186 -25.63 47.54 -0.25
CA ILE C 186 -24.76 47.79 -1.38
C ILE C 186 -23.49 46.98 -1.21
N TYR C 187 -22.86 46.60 -2.32
CA TYR C 187 -21.69 45.73 -2.32
C TYR C 187 -20.46 46.46 -2.86
N LYS C 188 -19.34 46.35 -2.15
CA LYS C 188 -18.06 46.92 -2.62
C LYS C 188 -17.00 45.85 -2.77
N PRO C 189 -16.50 45.61 -3.98
CA PRO C 189 -15.51 44.58 -4.18
C PRO C 189 -14.12 45.00 -3.75
N PRO C 190 -13.21 44.04 -3.69
CA PRO C 190 -11.81 44.33 -3.35
C PRO C 190 -11.01 45.13 -4.34
N GLY C 191 -11.17 46.44 -4.26
CA GLY C 191 -10.34 47.38 -4.97
C GLY C 191 -11.13 48.66 -5.11
N HIS C 192 -10.48 49.69 -5.61
CA HIS C 192 -11.26 50.72 -6.26
C HIS C 192 -10.91 50.57 -7.74
N SER C 193 -11.71 49.74 -8.41
CA SER C 193 -11.81 49.62 -9.85
C SER C 193 -13.27 49.41 -10.16
N ALA C 194 -13.80 48.28 -9.70
CA ALA C 194 -15.20 47.92 -9.86
C ALA C 194 -16.05 48.63 -8.82
N PRO C 195 -17.13 49.29 -9.21
CA PRO C 195 -18.03 49.92 -8.24
C PRO C 195 -19.16 49.00 -7.78
N ASP C 196 -20.09 49.55 -7.01
CA ASP C 196 -21.37 48.92 -6.73
C ASP C 196 -22.14 48.84 -8.05
N MET C 197 -22.91 47.79 -8.37
CA MET C 197 -23.33 46.63 -7.55
C MET C 197 -24.13 46.97 -6.30
N VAL C 198 -25.37 47.40 -6.54
CA VAL C 198 -26.36 47.68 -5.51
C VAL C 198 -27.49 46.69 -5.67
N TYR C 199 -27.95 46.12 -4.56
CA TYR C 199 -29.02 45.12 -4.58
C TYR C 199 -30.38 45.80 -4.76
N LEU C 200 -31.10 45.39 -5.81
CA LEU C 200 -32.43 45.91 -6.10
C LEU C 200 -33.56 45.02 -5.60
N GLY C 201 -33.24 43.87 -4.99
CA GLY C 201 -34.25 42.91 -4.62
C GLY C 201 -34.99 43.26 -3.34
N ALA C 202 -35.94 42.40 -2.99
CA ALA C 202 -36.71 42.58 -1.77
C ALA C 202 -35.86 42.22 -0.56
N MET C 203 -35.78 43.13 0.40
CA MET C 203 -35.01 42.90 1.61
C MET C 203 -35.81 42.16 2.68
N THR C 204 -37.07 41.81 2.40
CA THR C 204 -37.84 40.94 3.27
C THR C 204 -37.81 39.49 2.82
N ASN C 205 -37.13 39.17 1.73
CA ASN C 205 -37.00 37.80 1.24
C ASN C 205 -35.56 37.34 1.47
N PHE C 206 -35.40 36.36 2.37
CA PHE C 206 -34.07 35.89 2.74
C PHE C 206 -33.40 35.14 1.61
N ASP C 207 -34.16 34.42 0.79
CA ASP C 207 -33.55 33.55 -0.21
C ASP C 207 -32.92 34.33 -1.34
N VAL C 208 -33.63 35.34 -1.87
CA VAL C 208 -33.05 36.14 -2.94
C VAL C 208 -31.93 37.03 -2.40
N THR C 209 -32.05 37.52 -1.17
CA THR C 209 -31.02 38.36 -0.58
C THR C 209 -29.74 37.55 -0.34
N TYR C 210 -29.88 36.34 0.22
CA TYR C 210 -28.72 35.50 0.47
C TYR C 210 -28.13 34.96 -0.83
N ASN C 211 -28.97 34.70 -1.83
CA ASN C 211 -28.42 34.35 -3.14
C ASN C 211 -27.60 35.51 -3.70
N TRP C 212 -28.08 36.74 -3.51
CA TRP C 212 -27.41 37.91 -4.07
C TRP C 212 -26.05 38.16 -3.39
N ILE C 213 -26.05 38.25 -2.07
CA ILE C 213 -24.80 38.54 -1.35
C ILE C 213 -23.88 37.33 -1.35
N GLN C 214 -24.48 36.15 -1.25
CA GLN C 214 -23.77 34.91 -1.57
C GLN C 214 -23.04 35.02 -2.90
N ASP C 215 -23.67 35.65 -3.90
CA ASP C 215 -23.07 35.73 -5.23
C ASP C 215 -21.77 36.53 -5.22
N LYS C 216 -21.72 37.62 -4.46
CA LYS C 216 -20.53 38.46 -4.40
C LYS C 216 -19.46 37.89 -3.47
N CYS C 217 -19.86 37.23 -2.38
CA CYS C 217 -18.90 36.82 -1.36
C CYS C 217 -18.03 35.65 -1.80
N VAL C 218 -18.65 34.55 -2.25
CA VAL C 218 -17.94 33.29 -2.46
C VAL C 218 -17.95 32.96 -3.95
N PRO C 219 -16.77 32.90 -4.59
CA PRO C 219 -16.73 32.60 -6.03
C PRO C 219 -17.24 31.20 -6.36
N LEU C 220 -17.84 31.07 -7.55
CA LEU C 220 -18.42 29.80 -7.97
C LEU C 220 -17.35 28.73 -8.21
N VAL C 221 -16.22 29.12 -8.81
CA VAL C 221 -15.06 28.25 -8.98
C VAL C 221 -13.85 29.06 -8.53
N ARG C 222 -12.83 28.38 -8.02
CA ARG C 222 -11.59 29.11 -7.72
C ARG C 222 -10.40 28.16 -7.84
N GLU C 223 -9.21 28.71 -7.62
CA GLU C 223 -7.97 28.01 -7.91
C GLU C 223 -7.61 27.05 -6.78
N ILE C 224 -7.39 25.80 -7.14
CA ILE C 224 -6.73 24.87 -6.25
C ILE C 224 -5.23 25.01 -6.45
N THR C 225 -4.51 25.25 -5.37
CA THR C 225 -3.07 25.02 -5.38
C THR C 225 -2.73 24.14 -4.19
N PHE C 226 -1.65 23.37 -4.33
CA PHE C 226 -1.34 22.38 -3.31
C PHE C 226 -1.10 23.04 -1.95
N GLU C 227 -0.90 24.37 -1.90
CA GLU C 227 -0.84 25.00 -0.57
C GLU C 227 -2.19 24.95 0.15
N ASN C 228 -3.25 25.51 -0.44
CA ASN C 228 -4.62 25.48 0.07
C ASN C 228 -5.35 24.22 -0.38
N GLY C 229 -4.66 23.33 -1.11
CA GLY C 229 -5.20 22.01 -1.34
C GLY C 229 -5.75 21.40 -0.07
N GLU C 230 -5.02 21.54 1.03
CA GLU C 230 -5.45 21.06 2.34
C GLU C 230 -6.83 21.59 2.73
N GLU C 231 -6.94 22.92 2.90
CA GLU C 231 -8.21 23.52 3.30
C GLU C 231 -9.36 23.00 2.46
N LEU C 232 -9.18 22.99 1.14
CA LEU C 232 -10.27 22.62 0.25
C LEU C 232 -10.53 21.12 0.23
N THR C 233 -9.52 20.30 0.54
CA THR C 233 -9.76 18.86 0.68
C THR C 233 -10.62 18.57 1.89
N GLU C 234 -10.43 19.33 2.98
CA GLU C 234 -11.23 19.04 4.15
C GLU C 234 -12.62 19.68 4.09
N GLU C 235 -12.98 20.32 2.98
CA GLU C 235 -14.37 20.72 2.76
C GLU C 235 -15.28 19.50 2.61
N GLY C 236 -14.73 18.35 2.23
CA GLY C 236 -15.51 17.13 2.15
C GLY C 236 -16.37 16.99 0.92
N LEU C 237 -15.97 17.59 -0.20
CA LEU C 237 -16.77 17.58 -1.40
C LEU C 237 -16.00 17.00 -2.58
N PRO C 238 -16.65 16.27 -3.48
CA PRO C 238 -15.96 15.82 -4.70
C PRO C 238 -15.66 17.01 -5.61
N PHE C 239 -14.41 17.11 -6.06
CA PHE C 239 -13.95 18.20 -6.89
C PHE C 239 -14.41 18.03 -8.33
N LEU C 240 -14.73 19.15 -9.00
CA LEU C 240 -14.71 19.17 -10.46
C LEU C 240 -13.76 20.30 -10.86
N ILE C 241 -12.72 19.93 -11.61
CA ILE C 241 -11.54 20.76 -11.85
C ILE C 241 -11.40 20.99 -13.34
N LEU C 242 -11.11 22.22 -13.70
CA LEU C 242 -10.50 22.55 -14.98
C LEU C 242 -8.99 22.68 -14.76
N PHE C 243 -8.23 21.78 -15.35
CA PHE C 243 -6.78 21.90 -15.45
C PHE C 243 -6.46 22.70 -16.70
N HIS C 244 -5.76 23.83 -16.52
CA HIS C 244 -5.46 24.68 -17.66
C HIS C 244 -4.13 25.39 -17.42
N MET C 245 -3.41 25.63 -18.51
CA MET C 245 -2.20 26.43 -18.43
C MET C 245 -2.58 27.87 -18.07
N LYS C 246 -1.78 28.49 -17.20
CA LYS C 246 -2.13 29.79 -16.65
C LYS C 246 -2.10 30.90 -17.69
N GLU C 247 -1.44 30.68 -18.84
CA GLU C 247 -1.58 31.61 -19.95
C GLU C 247 -2.94 31.48 -20.62
N ASP C 248 -3.62 30.35 -20.43
CA ASP C 248 -4.87 30.06 -21.11
C ASP C 248 -5.99 30.53 -20.18
N THR C 249 -6.58 31.68 -20.51
CA THR C 249 -7.75 32.19 -19.81
C THR C 249 -9.05 31.84 -20.50
N GLU C 250 -9.00 31.35 -21.75
CA GLU C 250 -10.22 31.09 -22.50
C GLU C 250 -10.96 29.88 -21.96
N SER C 251 -10.25 28.77 -21.79
CA SER C 251 -10.83 27.58 -21.21
C SER C 251 -11.46 27.88 -19.86
N LEU C 252 -10.85 28.79 -19.10
CA LEU C 252 -11.29 29.03 -17.72
C LEU C 252 -12.61 29.78 -17.68
N GLU C 253 -12.82 30.71 -18.62
CA GLU C 253 -14.09 31.42 -18.64
C GLU C 253 -15.17 30.61 -19.34
N ILE C 254 -14.79 29.76 -20.30
CA ILE C 254 -15.75 28.77 -20.80
C ILE C 254 -16.24 27.90 -19.63
N PHE C 255 -15.31 27.51 -18.76
CA PHE C 255 -15.63 26.64 -17.63
C PHE C 255 -16.52 27.37 -16.62
N GLN C 256 -16.13 28.59 -16.22
CA GLN C 256 -16.94 29.37 -15.29
C GLN C 256 -18.36 29.57 -15.83
N ASN C 257 -18.45 30.09 -17.06
CA ASN C 257 -19.76 30.30 -17.67
C ASN C 257 -20.58 29.02 -17.72
N GLU C 258 -19.95 27.90 -18.07
CA GLU C 258 -20.71 26.68 -18.30
C GLU C 258 -21.17 26.02 -16.99
N VAL C 259 -20.37 26.09 -15.93
CA VAL C 259 -20.86 25.58 -14.66
C VAL C 259 -21.83 26.57 -14.01
N ALA C 260 -21.81 27.83 -14.43
CA ALA C 260 -22.86 28.76 -14.01
C ALA C 260 -24.17 28.45 -14.72
N ARG C 261 -24.11 28.03 -15.98
CA ARG C 261 -25.32 27.67 -16.70
C ARG C 261 -25.89 26.35 -16.22
N GLN C 262 -25.08 25.29 -16.25
CA GLN C 262 -25.61 23.95 -16.03
C GLN C 262 -25.69 23.53 -14.57
N LEU C 263 -24.62 23.74 -13.79
CA LEU C 263 -24.44 23.15 -12.47
C LEU C 263 -24.67 24.07 -11.27
N ILE C 264 -25.14 25.31 -11.47
CA ILE C 264 -25.25 26.23 -10.34
C ILE C 264 -26.09 25.68 -9.18
N SER C 265 -27.03 24.77 -9.45
CA SER C 265 -27.76 24.14 -8.36
C SER C 265 -26.88 23.27 -7.49
N GLU C 266 -25.71 22.91 -7.99
CA GLU C 266 -24.73 22.10 -7.28
C GLU C 266 -23.72 22.92 -6.51
N LYS C 267 -23.96 24.24 -6.38
CA LYS C 267 -22.99 25.19 -5.83
C LYS C 267 -22.35 24.69 -4.53
N GLY C 268 -23.14 24.12 -3.63
CA GLY C 268 -22.62 23.70 -2.34
C GLY C 268 -22.38 22.21 -2.16
N THR C 269 -22.84 21.40 -3.11
CA THR C 269 -22.52 19.98 -3.08
C THR C 269 -21.25 19.65 -3.84
N ILE C 270 -20.72 20.58 -4.62
CA ILE C 270 -19.53 20.39 -5.44
C ILE C 270 -18.63 21.59 -5.23
N ASN C 271 -17.33 21.36 -5.06
CA ASN C 271 -16.37 22.45 -5.23
C ASN C 271 -15.89 22.45 -6.67
N PHE C 272 -16.14 23.59 -7.34
CA PHE C 272 -15.69 23.82 -8.71
C PHE C 272 -14.38 24.61 -8.65
N LEU C 273 -13.32 24.03 -9.19
CA LEU C 273 -12.02 24.65 -9.06
C LEU C 273 -11.24 24.51 -10.37
N HIS C 274 -10.31 25.44 -10.57
CA HIS C 274 -9.36 25.40 -11.67
C HIS C 274 -7.95 25.33 -11.11
N ALA C 275 -7.09 24.64 -11.81
CA ALA C 275 -5.71 24.40 -11.40
C ALA C 275 -4.75 24.81 -12.50
N ASP C 276 -3.68 25.47 -12.10
CA ASP C 276 -2.56 25.69 -12.98
C ASP C 276 -2.02 24.34 -13.44
N CYS C 277 -1.94 24.16 -14.75
CA CYS C 277 -1.72 22.85 -15.34
C CYS C 277 -0.31 22.34 -15.08
N ASP C 278 0.67 23.24 -15.01
CA ASP C 278 2.06 22.88 -14.80
C ASP C 278 2.46 22.60 -13.36
N LYS C 279 1.80 23.21 -12.35
CA LYS C 279 2.17 22.87 -10.98
C LYS C 279 1.54 21.55 -10.54
N PHE C 280 0.38 21.22 -11.09
CA PHE C 280 -0.41 20.04 -10.74
C PHE C 280 -0.14 18.88 -11.66
N ARG C 281 1.01 18.90 -12.34
CA ARG C 281 1.37 17.85 -13.26
C ARG C 281 1.04 16.48 -12.67
N HIS C 282 1.48 16.20 -11.45
CA HIS C 282 1.24 14.84 -10.95
C HIS C 282 -0.24 14.54 -10.73
N PRO C 283 -1.05 15.47 -10.21
CA PRO C 283 -2.52 15.29 -10.32
C PRO C 283 -2.95 14.99 -11.75
N LEU C 284 -2.33 15.63 -12.74
CA LEU C 284 -2.59 15.30 -14.13
C LEU C 284 -1.85 14.03 -14.57
N LEU C 285 -0.68 13.73 -13.99
CA LEU C 285 -0.08 12.42 -14.17
C LEU C 285 -0.97 11.29 -13.68
N HIS C 286 -1.87 11.56 -12.73
CA HIS C 286 -2.74 10.52 -12.21
C HIS C 286 -3.70 10.01 -13.27
N ILE C 287 -3.83 10.73 -14.37
CA ILE C 287 -4.68 10.36 -15.48
C ILE C 287 -3.81 10.34 -16.75
N GLN C 288 -4.43 9.97 -17.87
CA GLN C 288 -3.76 9.79 -19.16
C GLN C 288 -3.16 11.08 -19.72
N LYS C 289 -3.38 12.20 -19.05
CA LYS C 289 -3.14 13.52 -19.63
C LYS C 289 -1.81 14.11 -19.18
N THR C 290 -1.22 14.90 -20.08
CA THR C 290 0.02 15.63 -19.89
C THR C 290 -0.27 17.13 -19.85
N PRO C 291 0.58 17.95 -19.23
CA PRO C 291 0.29 19.38 -19.10
C PRO C 291 0.01 20.10 -20.41
N ALA C 292 0.35 19.53 -21.57
CA ALA C 292 -0.04 20.11 -22.83
C ALA C 292 -1.31 19.49 -23.39
N ASP C 293 -1.92 18.53 -22.68
CA ASP C 293 -3.28 18.10 -22.98
C ASP C 293 -4.34 19.05 -22.42
N CYS C 294 -3.94 20.01 -21.58
CA CYS C 294 -4.85 21.02 -21.05
C CYS C 294 -5.36 21.89 -22.19
N PRO C 295 -6.64 22.32 -22.12
CA PRO C 295 -7.68 22.21 -21.08
C PRO C 295 -8.18 20.79 -20.82
N VAL C 296 -8.33 20.42 -19.55
CA VAL C 296 -8.78 19.09 -19.15
C VAL C 296 -9.77 19.25 -17.99
N ILE C 297 -10.90 18.53 -18.05
CA ILE C 297 -11.92 18.60 -17.01
C ILE C 297 -12.04 17.24 -16.34
N ALA C 298 -12.01 17.21 -15.01
CA ALA C 298 -12.08 15.95 -14.28
C ALA C 298 -12.78 16.14 -12.93
N ILE C 299 -13.41 15.08 -12.43
CA ILE C 299 -13.86 15.02 -11.04
C ILE C 299 -12.80 14.29 -10.24
N ASP C 300 -12.41 14.87 -9.11
CA ASP C 300 -11.59 14.17 -8.14
C ASP C 300 -12.47 13.89 -6.93
N SER C 301 -12.86 12.63 -6.76
CA SER C 301 -13.61 12.25 -5.57
C SER C 301 -12.71 12.01 -4.38
N PHE C 302 -11.39 12.20 -4.55
CA PHE C 302 -10.32 11.86 -3.62
C PHE C 302 -10.15 10.36 -3.53
N ARG C 303 -10.96 9.62 -4.26
CA ARG C 303 -10.83 8.19 -4.47
C ARG C 303 -10.30 7.90 -5.87
N HIS C 304 -11.03 8.27 -6.94
CA HIS C 304 -10.40 8.39 -8.27
C HIS C 304 -10.73 9.71 -8.97
N MET C 305 -10.15 9.87 -10.17
CA MET C 305 -10.34 11.03 -11.02
C MET C 305 -11.02 10.60 -12.33
N TYR C 306 -11.97 11.40 -12.79
CA TYR C 306 -12.77 11.08 -13.98
C TYR C 306 -12.59 12.19 -15.00
N VAL C 307 -12.02 11.86 -16.13
CA VAL C 307 -11.89 12.83 -17.21
C VAL C 307 -13.27 13.08 -17.81
N PHE C 308 -13.46 14.31 -18.26
CA PHE C 308 -14.72 14.65 -18.90
C PHE C 308 -14.77 14.17 -20.35
N GLY C 309 -13.62 13.93 -20.95
CA GLY C 309 -13.55 13.76 -22.38
C GLY C 309 -13.04 15.02 -23.04
N ASP C 310 -13.22 15.10 -24.36
CA ASP C 310 -12.74 16.25 -25.09
C ASP C 310 -13.43 17.51 -24.61
N PHE C 311 -12.63 18.57 -24.42
CA PHE C 311 -13.10 19.78 -23.75
C PHE C 311 -14.34 20.36 -24.44
N LYS C 312 -14.29 20.51 -25.77
CA LYS C 312 -15.29 21.28 -26.49
C LYS C 312 -16.71 20.76 -26.29
N ASP C 313 -16.88 19.49 -25.92
CA ASP C 313 -18.21 18.98 -25.62
C ASP C 313 -18.87 19.72 -24.48
N VAL C 314 -18.11 20.49 -23.70
CA VAL C 314 -18.67 21.31 -22.64
C VAL C 314 -19.61 22.38 -23.19
N LEU C 315 -19.59 22.62 -24.51
CA LEU C 315 -20.44 23.68 -25.07
C LEU C 315 -21.87 23.23 -25.34
N ILE C 316 -22.12 21.94 -25.51
CA ILE C 316 -23.52 21.53 -25.67
C ILE C 316 -24.24 21.69 -24.34
N PRO C 317 -25.45 22.25 -24.33
CA PRO C 317 -26.15 22.48 -23.05
C PRO C 317 -26.26 21.24 -22.15
N GLY C 318 -26.26 20.05 -22.72
CA GLY C 318 -26.41 18.86 -21.91
C GLY C 318 -25.20 18.41 -21.12
N LYS C 319 -24.05 18.26 -21.79
CA LYS C 319 -23.03 17.30 -21.38
C LYS C 319 -22.49 17.56 -19.97
N LEU C 320 -22.23 18.82 -19.62
CA LEU C 320 -21.61 19.06 -18.32
C LEU C 320 -22.56 18.78 -17.16
N LYS C 321 -23.87 18.98 -17.35
CA LYS C 321 -24.80 18.74 -16.26
C LYS C 321 -24.92 17.24 -15.98
N GLN C 322 -25.05 16.45 -17.05
CA GLN C 322 -25.17 15.00 -16.90
C GLN C 322 -23.85 14.38 -16.49
N PHE C 323 -22.73 15.05 -16.78
CA PHE C 323 -21.43 14.55 -16.31
C PHE C 323 -21.39 14.44 -14.79
N VAL C 324 -21.89 15.46 -14.09
CA VAL C 324 -21.86 15.42 -12.62
C VAL C 324 -22.99 14.55 -12.05
N PHE C 325 -24.14 14.46 -12.73
CA PHE C 325 -25.18 13.57 -12.20
C PHE C 325 -24.76 12.12 -12.30
N ASP C 326 -23.80 11.80 -13.18
CA ASP C 326 -23.22 10.47 -13.27
C ASP C 326 -22.17 10.20 -12.20
N LEU C 327 -21.65 11.23 -11.55
CA LEU C 327 -20.97 10.98 -10.29
C LEU C 327 -21.98 10.78 -9.17
N HIS C 328 -23.07 11.55 -9.19
CA HIS C 328 -24.13 11.38 -8.22
C HIS C 328 -24.95 10.12 -8.49
N SER C 329 -24.93 9.59 -9.71
CA SER C 329 -25.51 8.29 -10.00
C SER C 329 -24.50 7.16 -10.00
N GLY C 330 -23.21 7.47 -9.84
CA GLY C 330 -22.17 6.46 -9.82
C GLY C 330 -22.17 5.58 -11.06
N LYS C 331 -22.03 6.19 -12.23
CA LYS C 331 -22.42 5.50 -13.47
C LYS C 331 -21.38 4.49 -13.93
N LEU C 332 -20.23 4.94 -14.42
CA LEU C 332 -19.29 4.05 -15.09
C LEU C 332 -17.87 4.25 -14.58
N HIS C 333 -17.31 3.20 -13.96
CA HIS C 333 -15.87 3.13 -13.77
C HIS C 333 -15.40 1.74 -14.26
N ARG C 334 -14.70 1.58 -15.40
CA ARG C 334 -14.39 2.57 -16.46
C ARG C 334 -13.48 3.74 -16.10
N GLU C 335 -12.16 3.50 -16.13
CA GLU C 335 -11.65 2.31 -16.82
C GLU C 335 -10.60 1.45 -16.07
N PHE C 336 -9.39 1.95 -15.72
CA PHE C 336 -8.95 3.35 -15.69
C PHE C 336 -8.51 3.90 -17.05
N ILE D 7 30.70 -21.87 -27.06
CA ILE D 7 29.67 -21.92 -26.02
C ILE D 7 28.80 -20.69 -26.09
N THR D 8 27.76 -20.73 -26.92
CA THR D 8 27.03 -19.52 -27.25
C THR D 8 25.54 -19.80 -27.32
N SER D 9 24.79 -18.71 -27.45
CA SER D 9 23.37 -18.61 -27.12
C SER D 9 22.47 -19.22 -28.18
N LEU D 10 21.17 -18.97 -27.99
CA LEU D 10 20.10 -19.22 -28.94
C LEU D 10 19.42 -17.90 -29.25
N ASP D 11 18.37 -17.96 -30.06
CA ASP D 11 17.51 -16.81 -30.34
C ASP D 11 16.14 -17.35 -30.75
N THR D 12 15.18 -16.45 -30.98
CA THR D 12 13.80 -16.83 -31.28
C THR D 12 13.67 -17.86 -32.41
N GLU D 13 14.65 -17.97 -33.28
CA GLU D 13 14.51 -18.65 -34.57
C GLU D 13 15.22 -20.00 -34.60
N ASN D 14 16.54 -20.00 -34.47
CA ASN D 14 17.38 -21.18 -34.50
C ASN D 14 17.26 -22.05 -33.25
N ILE D 15 16.41 -21.71 -32.26
CA ILE D 15 16.20 -22.61 -31.12
C ILE D 15 16.03 -24.04 -31.60
N ASP D 16 15.16 -24.24 -32.59
CA ASP D 16 14.81 -25.59 -33.01
C ASP D 16 15.91 -26.22 -33.85
N GLU D 17 16.79 -25.40 -34.41
CA GLU D 17 17.92 -25.92 -35.17
C GLU D 17 18.88 -26.68 -34.26
N ILE D 18 19.42 -26.01 -33.22
CA ILE D 18 20.38 -26.67 -32.35
C ILE D 18 19.69 -27.54 -31.31
N LEU D 19 18.45 -27.21 -30.96
CA LEU D 19 17.83 -27.83 -29.79
C LEU D 19 17.35 -29.24 -30.08
N ASN D 20 16.93 -29.51 -31.32
CA ASN D 20 16.40 -30.82 -31.66
C ASN D 20 17.51 -31.83 -31.92
N ASN D 21 18.55 -31.42 -32.65
CA ASN D 21 19.61 -32.34 -33.04
C ASN D 21 20.49 -32.77 -31.87
N ALA D 22 20.42 -32.05 -30.75
CA ALA D 22 21.33 -32.28 -29.63
C ALA D 22 20.80 -33.41 -28.76
N ASP D 23 21.58 -34.48 -28.63
CA ASP D 23 21.14 -35.64 -27.88
C ASP D 23 20.87 -35.28 -26.42
N VAL D 24 21.85 -34.70 -25.76
CA VAL D 24 21.66 -34.09 -24.46
C VAL D 24 22.01 -32.62 -24.61
N ALA D 25 21.01 -31.76 -24.48
CA ALA D 25 21.19 -30.32 -24.54
C ALA D 25 20.90 -29.78 -23.14
N LEU D 26 21.94 -29.33 -22.46
CA LEU D 26 21.78 -28.74 -21.13
C LEU D 26 21.81 -27.23 -21.33
N VAL D 27 20.65 -26.61 -21.19
CA VAL D 27 20.42 -25.24 -21.58
C VAL D 27 20.22 -24.41 -20.33
N ASN D 28 20.82 -23.23 -20.31
CA ASN D 28 20.76 -22.34 -19.16
C ASN D 28 19.84 -21.18 -19.52
N PHE D 29 18.65 -21.17 -18.93
CA PHE D 29 17.76 -20.02 -19.05
C PHE D 29 18.24 -18.97 -18.06
N TYR D 30 18.61 -17.79 -18.55
CA TYR D 30 19.19 -16.84 -17.61
C TYR D 30 18.54 -15.47 -17.72
N ALA D 31 18.90 -14.65 -16.73
CA ALA D 31 18.60 -13.23 -16.70
C ALA D 31 19.85 -12.48 -16.24
N ASP D 32 20.16 -11.37 -16.91
CA ASP D 32 21.43 -10.69 -16.68
C ASP D 32 21.42 -9.83 -15.43
N TRP D 33 20.29 -9.23 -15.07
CA TRP D 33 20.22 -8.41 -13.87
C TRP D 33 20.28 -9.25 -12.60
N CYS D 34 20.00 -10.55 -12.70
CA CYS D 34 20.04 -11.44 -11.55
C CYS D 34 21.48 -11.83 -11.25
N ARG D 35 21.94 -11.53 -10.04
CA ARG D 35 23.33 -11.80 -9.67
C ARG D 35 23.63 -13.30 -9.61
N PHE D 36 22.64 -14.13 -9.27
CA PHE D 36 22.86 -15.58 -9.20
C PHE D 36 23.12 -16.18 -10.57
N SER D 37 22.48 -15.67 -11.62
CA SER D 37 22.78 -16.14 -12.96
C SER D 37 24.04 -15.49 -13.51
N GLN D 38 24.41 -14.30 -13.04
CA GLN D 38 25.65 -13.74 -13.53
C GLN D 38 26.85 -14.47 -12.95
N MET D 39 26.75 -14.99 -11.73
CA MET D 39 27.86 -15.74 -11.18
C MET D 39 27.98 -17.16 -11.74
N LEU D 40 26.93 -17.71 -12.38
CA LEU D 40 27.05 -19.09 -12.85
C LEU D 40 27.72 -19.19 -14.22
N HIS D 41 27.71 -18.11 -15.01
CA HIS D 41 28.34 -18.14 -16.33
C HIS D 41 29.78 -18.63 -16.33
N PRO D 42 30.68 -18.12 -15.48
CA PRO D 42 32.06 -18.64 -15.49
C PRO D 42 32.14 -20.13 -15.17
N ILE D 43 31.30 -20.60 -14.24
CA ILE D 43 31.27 -22.01 -13.89
C ILE D 43 30.52 -22.80 -14.97
N PHE D 44 29.53 -22.19 -15.62
CA PHE D 44 28.85 -22.87 -16.72
C PHE D 44 29.80 -23.20 -17.85
N GLU D 45 30.54 -22.19 -18.34
CA GLU D 45 31.45 -22.46 -19.44
C GLU D 45 32.73 -23.16 -18.99
N GLU D 46 33.10 -23.03 -17.71
CA GLU D 46 34.23 -23.81 -17.21
C GLU D 46 33.84 -25.27 -17.06
N ALA D 47 32.64 -25.53 -16.51
CA ALA D 47 32.10 -26.88 -16.52
C ALA D 47 31.88 -27.38 -17.93
N SER D 48 31.53 -26.46 -18.84
CA SER D 48 31.53 -26.75 -20.26
C SER D 48 32.91 -27.20 -20.72
N ASP D 49 33.90 -26.28 -20.66
CA ASP D 49 35.25 -26.56 -21.16
C ASP D 49 35.82 -27.88 -20.67
N VAL D 50 35.40 -28.39 -19.51
CA VAL D 50 35.93 -29.67 -19.04
C VAL D 50 35.23 -30.83 -19.76
N ILE D 51 33.90 -30.83 -19.86
CA ILE D 51 33.24 -31.99 -20.48
C ILE D 51 33.14 -31.91 -22.02
N LYS D 52 33.16 -30.72 -22.65
CA LYS D 52 33.16 -30.84 -24.12
C LYS D 52 34.55 -31.09 -24.66
N GLU D 53 35.59 -30.97 -23.81
CA GLU D 53 36.83 -31.65 -24.13
C GLU D 53 36.76 -33.11 -23.72
N GLU D 54 35.92 -33.44 -22.74
CA GLU D 54 35.84 -34.81 -22.26
C GLU D 54 35.44 -35.78 -23.37
N PHE D 55 34.26 -35.58 -23.96
CA PHE D 55 33.71 -36.51 -24.93
C PHE D 55 34.56 -36.56 -26.24
N PRO D 56 34.69 -35.44 -27.00
CA PRO D 56 34.02 -34.15 -27.33
C PRO D 56 32.80 -34.30 -28.26
N ASN D 57 32.76 -35.45 -28.94
CA ASN D 57 31.56 -36.13 -29.43
C ASN D 57 30.80 -35.37 -30.53
N GLU D 58 31.46 -34.48 -31.28
CA GLU D 58 30.70 -33.67 -32.23
C GLU D 58 29.54 -32.97 -31.51
N ASN D 59 28.30 -33.34 -31.83
CA ASN D 59 27.12 -32.95 -31.05
C ASN D 59 26.64 -34.17 -30.27
N GLN D 60 26.83 -34.15 -28.95
CA GLN D 60 26.13 -35.00 -28.00
C GLN D 60 25.72 -34.15 -26.81
N VAL D 61 26.70 -33.71 -26.03
CA VAL D 61 26.49 -32.76 -24.93
C VAL D 61 26.90 -31.37 -25.43
N VAL D 62 25.99 -30.41 -25.31
CA VAL D 62 26.26 -29.03 -25.71
C VAL D 62 25.64 -28.10 -24.67
N PHE D 63 26.48 -27.23 -24.08
CA PHE D 63 26.02 -26.28 -23.07
C PHE D 63 25.72 -24.95 -23.75
N ALA D 64 24.44 -24.57 -23.74
CA ALA D 64 23.96 -23.34 -24.36
C ALA D 64 23.09 -22.58 -23.38
N ARG D 65 22.74 -21.35 -23.76
CA ARG D 65 22.09 -20.35 -22.90
C ARG D 65 20.95 -19.69 -23.68
N VAL D 66 20.05 -19.02 -22.97
CA VAL D 66 18.97 -18.32 -23.66
C VAL D 66 18.57 -17.09 -22.87
N ASP D 67 18.47 -15.94 -23.56
CA ASP D 67 18.18 -14.67 -22.91
C ASP D 67 16.67 -14.61 -22.71
N CYS D 68 16.24 -14.59 -21.46
CA CYS D 68 14.84 -14.45 -21.13
C CYS D 68 14.38 -13.00 -21.14
N ASP D 69 15.26 -12.07 -21.52
CA ASP D 69 14.82 -10.68 -21.67
C ASP D 69 14.21 -10.41 -23.05
N GLN D 70 15.03 -10.30 -24.09
CA GLN D 70 14.46 -9.97 -25.39
C GLN D 70 13.93 -11.20 -26.11
N HIS D 71 14.44 -12.38 -25.75
CA HIS D 71 13.91 -13.68 -26.11
C HIS D 71 12.98 -14.24 -25.03
N SER D 72 12.56 -13.42 -24.08
CA SER D 72 11.55 -13.83 -23.11
C SER D 72 10.44 -14.66 -23.71
N ASP D 73 10.25 -14.53 -25.03
CA ASP D 73 9.32 -15.42 -25.71
C ASP D 73 9.67 -16.88 -25.40
N ILE D 74 10.96 -17.25 -25.41
CA ILE D 74 11.25 -18.58 -24.83
C ILE D 74 10.96 -18.64 -23.29
N ALA D 75 10.91 -17.51 -22.58
CA ALA D 75 10.82 -17.66 -21.12
C ALA D 75 9.43 -18.07 -20.69
N GLN D 76 8.39 -17.75 -21.46
CA GLN D 76 7.12 -18.43 -21.19
C GLN D 76 6.74 -19.53 -22.20
N ARG D 77 7.50 -19.83 -23.26
CA ARG D 77 7.13 -21.09 -23.92
C ARG D 77 7.38 -22.26 -23.00
N TYR D 78 8.51 -22.27 -22.32
CA TYR D 78 8.92 -23.40 -21.51
C TYR D 78 8.49 -23.26 -20.04
N ARG D 79 7.79 -22.19 -19.72
CA ARG D 79 7.36 -21.85 -18.37
C ARG D 79 8.57 -21.68 -17.44
N ILE D 80 9.30 -20.60 -17.71
CA ILE D 80 10.46 -20.22 -16.92
C ILE D 80 10.02 -19.19 -15.90
N SER D 81 10.28 -19.50 -14.63
CA SER D 81 9.99 -18.61 -13.51
C SER D 81 11.26 -18.16 -12.81
N LYS D 82 12.03 -19.09 -12.24
CA LYS D 82 13.27 -18.74 -11.57
C LYS D 82 14.37 -18.45 -12.59
N TYR D 83 15.25 -17.51 -12.25
CA TYR D 83 16.52 -17.32 -12.94
C TYR D 83 17.69 -17.64 -12.00
N PRO D 84 18.62 -18.51 -12.41
CA PRO D 84 18.71 -19.35 -13.62
C PRO D 84 17.89 -20.62 -13.55
N THR D 85 17.46 -21.16 -14.69
CA THR D 85 16.89 -22.50 -14.71
C THR D 85 17.67 -23.36 -15.71
N LEU D 86 18.31 -24.41 -15.21
CA LEU D 86 19.07 -25.35 -16.02
C LEU D 86 18.15 -26.48 -16.46
N LYS D 87 18.08 -26.71 -17.76
CA LYS D 87 17.17 -27.75 -18.21
C LYS D 87 17.75 -28.62 -19.32
N LEU D 88 17.33 -29.88 -19.26
CA LEU D 88 17.96 -30.97 -19.99
C LEU D 88 17.02 -31.50 -21.05
N PHE D 89 17.47 -31.50 -22.29
CA PHE D 89 16.62 -31.86 -23.41
C PHE D 89 17.24 -33.02 -24.16
N ARG D 90 16.48 -34.10 -24.29
CA ARG D 90 16.91 -35.23 -25.08
C ARG D 90 16.36 -35.02 -26.49
N ASN D 91 17.25 -34.64 -27.40
CA ASN D 91 16.94 -34.41 -28.80
C ASN D 91 15.67 -33.60 -29.02
N GLY D 92 15.50 -32.51 -28.25
CA GLY D 92 14.48 -31.53 -28.53
C GLY D 92 13.29 -31.45 -27.58
N MET D 93 13.10 -32.41 -26.66
CA MET D 93 11.93 -32.49 -25.81
C MET D 93 12.28 -32.05 -24.38
N MET D 94 11.28 -31.60 -23.65
CA MET D 94 11.49 -31.14 -22.29
C MET D 94 11.32 -32.32 -21.33
N MET D 95 12.37 -32.67 -20.59
CA MET D 95 12.28 -33.62 -19.49
C MET D 95 11.58 -32.96 -18.31
N LYS D 96 10.71 -33.73 -17.65
CA LYS D 96 9.85 -33.18 -16.62
C LYS D 96 10.65 -32.62 -15.44
N ARG D 97 11.92 -32.97 -15.35
CA ARG D 97 12.78 -32.43 -14.32
C ARG D 97 13.76 -31.43 -14.95
N GLU D 98 14.52 -30.75 -14.10
CA GLU D 98 15.52 -29.74 -14.41
C GLU D 98 16.73 -30.06 -13.54
N TYR D 99 17.62 -29.09 -13.34
CA TYR D 99 18.76 -29.33 -12.44
C TYR D 99 18.64 -28.47 -11.18
N ARG D 100 18.40 -29.13 -10.03
CA ARG D 100 18.30 -28.50 -8.71
C ARG D 100 19.46 -28.74 -7.74
N GLY D 101 20.41 -29.61 -8.08
CA GLY D 101 21.61 -29.74 -7.28
C GLY D 101 22.50 -28.52 -7.46
N GLN D 102 23.68 -28.56 -6.84
CA GLN D 102 24.48 -27.36 -6.70
C GLN D 102 25.17 -26.96 -8.01
N ARG D 103 25.47 -25.66 -8.13
CA ARG D 103 26.17 -25.14 -9.30
C ARG D 103 27.65 -25.03 -8.99
N SER D 104 28.43 -25.77 -9.76
CA SER D 104 29.87 -25.96 -9.68
C SER D 104 30.21 -26.86 -10.85
N VAL D 105 31.48 -26.85 -11.23
CA VAL D 105 31.91 -27.65 -12.38
C VAL D 105 31.91 -29.13 -12.01
N LYS D 106 32.23 -29.40 -10.74
CA LYS D 106 32.07 -30.75 -10.19
C LYS D 106 30.64 -31.24 -10.36
N ALA D 107 29.66 -30.45 -9.93
CA ALA D 107 28.29 -30.97 -9.84
C ALA D 107 27.63 -31.05 -11.21
N LEU D 108 27.83 -30.03 -12.07
CA LEU D 108 27.33 -30.06 -13.44
C LEU D 108 27.97 -31.18 -14.23
N ALA D 109 29.30 -31.21 -14.23
CA ALA D 109 30.04 -32.26 -14.91
C ALA D 109 29.56 -33.64 -14.47
N ASP D 110 29.50 -33.85 -13.16
CA ASP D 110 29.02 -35.12 -12.63
C ASP D 110 27.61 -35.44 -13.09
N TYR D 111 26.75 -34.42 -13.26
CA TYR D 111 25.35 -34.70 -13.58
C TYR D 111 25.12 -34.95 -15.08
N ILE D 112 25.85 -34.24 -15.98
CA ILE D 112 25.72 -34.53 -17.40
C ILE D 112 26.56 -35.73 -17.81
N ARG D 113 27.56 -36.09 -17.02
CA ARG D 113 28.12 -37.43 -17.07
C ARG D 113 27.19 -38.45 -16.45
N GLN D 114 26.34 -38.03 -15.51
CA GLN D 114 25.39 -38.92 -14.87
C GLN D 114 24.22 -39.22 -15.78
N GLN D 115 23.90 -38.32 -16.71
CA GLN D 115 22.87 -38.53 -17.73
C GLN D 115 23.29 -39.54 -18.78
N LYS D 116 24.55 -39.95 -18.77
CA LYS D 116 25.10 -40.86 -19.77
C LYS D 116 25.07 -42.30 -19.33
N SER D 117 24.33 -42.62 -18.27
CA SER D 117 24.31 -43.98 -17.75
C SER D 117 23.69 -44.91 -18.79
N ASP D 118 23.59 -46.19 -18.43
CA ASP D 118 23.32 -47.23 -19.41
C ASP D 118 22.05 -46.90 -20.22
N PRO D 119 20.93 -46.55 -19.56
CA PRO D 119 20.34 -46.90 -18.26
C PRO D 119 19.84 -48.35 -18.23
N ILE D 120 19.78 -48.99 -19.40
CA ILE D 120 19.20 -50.32 -19.53
C ILE D 120 19.92 -51.31 -18.62
N GLN D 121 19.21 -52.37 -18.25
CA GLN D 121 19.79 -53.47 -17.49
C GLN D 121 19.83 -54.71 -18.38
N GLU D 122 21.00 -55.09 -18.85
CA GLU D 122 21.13 -56.35 -19.58
C GLU D 122 21.44 -57.44 -18.57
N ILE D 123 20.58 -58.45 -18.53
CA ILE D 123 20.56 -59.39 -17.41
C ILE D 123 20.97 -60.77 -17.90
N ARG D 124 21.45 -61.57 -16.95
CA ARG D 124 21.93 -62.93 -17.18
C ARG D 124 20.77 -63.91 -17.27
N ASP D 125 21.10 -65.19 -17.08
CA ASP D 125 20.10 -66.22 -16.83
C ASP D 125 19.07 -65.69 -15.84
N LEU D 126 17.80 -65.99 -16.10
CA LEU D 126 16.73 -65.18 -15.53
C LEU D 126 16.43 -65.74 -14.16
N ALA D 127 17.06 -65.16 -13.14
CA ALA D 127 16.53 -65.10 -11.79
C ALA D 127 15.98 -63.72 -11.46
N GLU D 128 16.18 -62.73 -12.32
CA GLU D 128 15.80 -61.37 -11.97
C GLU D 128 14.30 -61.15 -12.11
N ILE D 129 13.64 -61.91 -12.99
CA ILE D 129 12.28 -61.57 -13.40
C ILE D 129 11.31 -61.52 -12.21
N THR D 130 11.48 -62.33 -11.17
CA THR D 130 10.71 -62.17 -9.95
C THR D 130 11.46 -61.54 -8.76
N THR D 131 12.77 -61.28 -8.88
CA THR D 131 13.52 -60.63 -7.80
C THR D 131 13.62 -59.11 -7.99
N LEU D 132 12.96 -58.56 -9.01
CA LEU D 132 12.92 -57.13 -9.32
C LEU D 132 12.09 -56.30 -8.35
N ASP D 133 11.35 -56.93 -7.45
CA ASP D 133 10.21 -56.25 -6.86
C ASP D 133 10.62 -55.39 -5.67
N ARG D 134 9.65 -55.06 -4.81
CA ARG D 134 9.88 -54.06 -3.76
C ARG D 134 10.10 -52.66 -4.32
N SER D 135 8.97 -51.99 -4.62
CA SER D 135 8.89 -50.53 -4.74
C SER D 135 9.57 -49.96 -5.98
N LYS D 136 9.41 -50.64 -7.12
CA LYS D 136 9.97 -50.14 -8.38
C LYS D 136 8.97 -50.25 -9.53
N ARG D 137 9.48 -49.89 -10.73
CA ARG D 137 8.81 -50.12 -12.00
C ARG D 137 9.77 -50.71 -13.02
N ASN D 138 9.34 -51.77 -13.76
CA ASN D 138 10.30 -52.34 -14.71
C ASN D 138 9.73 -52.55 -16.10
N ILE D 139 10.47 -52.07 -17.11
CA ILE D 139 10.19 -52.37 -18.51
C ILE D 139 11.30 -53.29 -18.99
N ILE D 140 10.95 -54.54 -19.24
CA ILE D 140 11.89 -55.59 -19.61
C ILE D 140 11.86 -55.72 -21.12
N GLY D 141 12.98 -55.41 -21.77
CA GLY D 141 13.09 -55.64 -23.19
C GLY D 141 13.56 -57.06 -23.47
N TYR D 142 13.03 -57.66 -24.53
CA TYR D 142 13.53 -58.93 -25.04
C TYR D 142 13.90 -58.77 -26.50
N PHE D 143 15.16 -59.03 -26.82
CA PHE D 143 15.66 -58.78 -28.15
C PHE D 143 16.76 -59.77 -28.48
N GLU D 144 16.76 -60.19 -29.74
CA GLU D 144 17.80 -60.96 -30.38
C GLU D 144 19.07 -60.12 -30.58
N GLN D 145 19.05 -59.15 -31.50
CA GLN D 145 20.27 -58.53 -32.01
C GLN D 145 20.27 -57.01 -31.84
N LYS D 146 21.16 -56.52 -30.97
CA LYS D 146 21.03 -55.21 -30.35
C LYS D 146 21.55 -54.04 -31.19
N ASP D 147 22.01 -54.26 -32.44
CA ASP D 147 22.31 -53.15 -33.37
C ASP D 147 21.19 -52.85 -34.34
N SER D 148 20.09 -53.58 -34.23
CA SER D 148 18.90 -53.47 -35.04
C SER D 148 18.22 -52.12 -34.82
N ASP D 149 17.28 -51.82 -35.72
CA ASP D 149 16.42 -50.66 -35.54
C ASP D 149 15.57 -50.73 -34.27
N ASN D 150 15.25 -51.92 -33.74
CA ASN D 150 14.37 -51.96 -32.57
C ASN D 150 15.11 -51.54 -31.29
N TYR D 151 16.30 -52.09 -31.08
CA TYR D 151 17.00 -51.84 -29.81
C TYR D 151 17.35 -50.37 -29.66
N ARG D 152 17.74 -49.70 -30.74
CA ARG D 152 18.09 -48.29 -30.60
C ARG D 152 16.87 -47.38 -30.50
N VAL D 153 15.68 -47.87 -30.87
CA VAL D 153 14.46 -47.14 -30.53
C VAL D 153 14.05 -47.42 -29.08
N PHE D 154 14.26 -48.65 -28.61
CA PHE D 154 14.02 -48.96 -27.20
C PHE D 154 14.98 -48.22 -26.29
N GLU D 155 16.19 -47.91 -26.77
CA GLU D 155 17.15 -47.23 -25.92
C GLU D 155 17.05 -45.71 -26.03
N ARG D 156 16.32 -45.18 -27.01
CA ARG D 156 16.09 -43.74 -27.03
C ARG D 156 15.02 -43.36 -26.02
N VAL D 157 13.97 -44.17 -25.89
CA VAL D 157 12.99 -43.93 -24.85
C VAL D 157 13.46 -44.44 -23.49
N ALA D 158 14.50 -45.27 -23.46
CA ALA D 158 15.12 -45.63 -22.18
C ALA D 158 15.83 -44.45 -21.55
N ASN D 159 16.22 -43.45 -22.35
CA ASN D 159 16.92 -42.28 -21.84
C ASN D 159 15.96 -41.32 -21.13
N ILE D 160 14.82 -41.04 -21.76
CA ILE D 160 13.95 -39.98 -21.26
C ILE D 160 13.25 -40.38 -19.97
N LEU D 161 12.78 -41.62 -19.85
CA LEU D 161 12.06 -42.11 -18.68
C LEU D 161 12.91 -42.86 -17.66
N HIS D 162 14.25 -42.86 -17.82
CA HIS D 162 15.07 -43.69 -16.94
C HIS D 162 14.94 -43.33 -15.45
N ASP D 163 14.38 -42.16 -15.14
CA ASP D 163 14.07 -41.83 -13.76
C ASP D 163 12.77 -42.50 -13.31
N ASP D 164 11.79 -42.61 -14.21
CA ASP D 164 10.47 -43.07 -13.80
C ASP D 164 10.44 -44.56 -13.54
N CYS D 165 11.32 -45.34 -14.18
CA CYS D 165 11.32 -46.77 -13.99
C CYS D 165 12.70 -47.32 -14.33
N ALA D 166 12.84 -48.64 -14.19
CA ALA D 166 14.06 -49.36 -14.50
C ALA D 166 13.87 -50.12 -15.80
N PHE D 167 14.77 -49.89 -16.75
CA PHE D 167 14.76 -50.54 -18.05
C PHE D 167 15.73 -51.72 -18.03
N LEU D 168 15.34 -52.82 -18.68
CA LEU D 168 16.19 -53.99 -18.76
C LEU D 168 16.20 -54.51 -20.19
N SER D 169 17.12 -55.43 -20.47
CA SER D 169 17.22 -56.02 -21.80
C SER D 169 17.74 -57.45 -21.68
N ALA D 170 17.46 -58.24 -22.70
CA ALA D 170 17.76 -59.67 -22.69
C ALA D 170 17.92 -60.13 -24.13
N PHE D 171 17.93 -61.46 -24.31
CA PHE D 171 18.05 -62.12 -25.61
C PHE D 171 17.00 -63.22 -25.74
N GLY D 172 16.61 -63.50 -26.98
CA GLY D 172 16.04 -64.77 -27.40
C GLY D 172 14.59 -65.19 -27.16
N ASP D 173 13.58 -64.34 -27.39
CA ASP D 173 12.23 -64.88 -27.25
C ASP D 173 11.46 -64.98 -28.57
N VAL D 174 10.88 -63.87 -29.05
CA VAL D 174 10.21 -63.81 -30.36
C VAL D 174 10.41 -62.42 -30.93
N ASP D 183 11.87 -59.98 -29.96
CA ASP D 183 11.59 -58.55 -30.07
C ASP D 183 10.27 -58.14 -29.46
N ASN D 184 10.21 -58.06 -28.15
CA ASN D 184 8.99 -57.59 -27.51
C ASN D 184 9.33 -56.95 -26.18
N ILE D 185 8.42 -56.10 -25.72
CA ILE D 185 8.57 -55.36 -24.48
C ILE D 185 7.55 -55.89 -23.48
N ILE D 186 8.01 -56.21 -22.29
CA ILE D 186 7.20 -56.82 -21.23
C ILE D 186 7.35 -55.99 -19.96
N TYR D 187 6.25 -55.40 -19.49
CA TYR D 187 6.24 -54.48 -18.36
C TYR D 187 5.79 -55.21 -17.10
N LYS D 188 6.69 -55.33 -16.11
CA LYS D 188 6.27 -55.84 -14.80
C LYS D 188 5.81 -54.69 -13.93
N PRO D 189 4.60 -54.78 -13.34
CA PRO D 189 3.91 -53.65 -12.64
C PRO D 189 4.27 -53.63 -11.17
N PRO D 190 3.79 -52.61 -10.38
CA PRO D 190 4.35 -52.41 -9.03
C PRO D 190 3.94 -53.47 -8.01
N GLY D 191 4.32 -54.71 -8.29
CA GLY D 191 4.39 -55.73 -7.26
C GLY D 191 4.07 -57.08 -7.84
N HIS D 192 3.74 -57.99 -6.92
CA HIS D 192 3.34 -59.34 -7.24
C HIS D 192 1.85 -59.46 -7.57
N SER D 193 1.13 -58.34 -7.55
CA SER D 193 -0.33 -58.36 -7.66
C SER D 193 -0.80 -58.29 -9.10
N ALA D 194 -0.62 -57.14 -9.73
CA ALA D 194 -1.13 -56.93 -11.07
C ALA D 194 -0.30 -57.73 -12.08
N PRO D 195 -0.93 -58.31 -13.08
CA PRO D 195 -0.22 -59.06 -14.12
C PRO D 195 0.34 -58.11 -15.17
N ASP D 196 1.02 -58.68 -16.17
CA ASP D 196 1.44 -57.94 -17.35
C ASP D 196 0.37 -58.14 -18.43
N MET D 197 0.02 -57.13 -19.23
CA MET D 197 0.78 -55.94 -19.64
C MET D 197 2.06 -56.26 -20.42
N VAL D 198 1.87 -56.75 -21.65
CA VAL D 198 2.92 -56.89 -22.65
C VAL D 198 2.56 -55.95 -23.81
N TYR D 199 3.59 -55.46 -24.51
CA TYR D 199 3.41 -54.50 -25.59
C TYR D 199 3.46 -55.22 -26.93
N LEU D 200 2.35 -55.20 -27.66
CA LEU D 200 2.32 -55.62 -29.05
C LEU D 200 2.03 -54.38 -29.90
N GLY D 201 2.97 -54.05 -30.76
CA GLY D 201 2.84 -52.86 -31.57
C GLY D 201 4.01 -52.72 -32.53
N ALA D 202 4.16 -51.52 -33.08
CA ALA D 202 5.24 -51.25 -34.02
C ALA D 202 6.43 -50.76 -33.21
N MET D 203 7.47 -51.58 -33.12
CA MET D 203 8.55 -51.30 -32.17
C MET D 203 9.59 -50.33 -32.73
N THR D 204 9.90 -50.41 -34.03
CA THR D 204 10.97 -49.59 -34.58
C THR D 204 10.53 -48.17 -34.87
N ASN D 205 9.24 -47.91 -35.04
CA ASN D 205 8.81 -46.53 -35.22
C ASN D 205 8.65 -45.90 -33.82
N PHE D 206 8.20 -44.64 -33.79
CA PHE D 206 8.68 -43.75 -32.74
C PHE D 206 7.66 -43.52 -31.61
N ASP D 207 6.63 -42.71 -31.87
CA ASP D 207 5.75 -42.27 -30.79
C ASP D 207 4.76 -43.34 -30.34
N VAL D 208 4.53 -44.39 -31.15
CA VAL D 208 3.65 -45.46 -30.69
C VAL D 208 4.34 -46.29 -29.63
N THR D 209 5.65 -46.51 -29.75
CA THR D 209 6.37 -47.15 -28.66
C THR D 209 6.63 -46.18 -27.51
N TYR D 210 6.80 -44.90 -27.83
CA TYR D 210 7.03 -43.94 -26.76
C TYR D 210 5.83 -43.82 -25.83
N ASN D 211 4.63 -43.65 -26.39
CA ASN D 211 3.51 -43.36 -25.52
C ASN D 211 2.93 -44.62 -24.86
N TRP D 212 3.39 -45.81 -25.22
CA TRP D 212 3.02 -46.98 -24.45
C TRP D 212 3.75 -46.99 -23.11
N ILE D 213 5.08 -47.10 -23.16
CA ILE D 213 5.89 -47.11 -21.96
C ILE D 213 5.71 -45.82 -21.17
N GLN D 214 5.55 -44.69 -21.86
CA GLN D 214 5.23 -43.45 -21.17
C GLN D 214 3.93 -43.57 -20.39
N ASP D 215 2.97 -44.33 -20.91
CA ASP D 215 1.69 -44.47 -20.23
C ASP D 215 1.81 -45.30 -18.96
N LYS D 216 2.56 -46.41 -19.00
CA LYS D 216 2.68 -47.22 -17.78
C LYS D 216 3.87 -46.88 -16.89
N CYS D 217 4.64 -45.85 -17.21
CA CYS D 217 5.57 -45.31 -16.23
C CYS D 217 4.96 -44.15 -15.43
N VAL D 218 3.76 -43.72 -15.78
CA VAL D 218 3.08 -42.67 -15.02
C VAL D 218 1.67 -43.11 -14.67
#